data_8I9S
#
_entry.id   8I9S
#
_cell.length_a   1.00
_cell.length_b   1.00
_cell.length_c   1.00
_cell.angle_alpha   90.00
_cell.angle_beta   90.00
_cell.angle_gamma   90.00
#
_symmetry.space_group_name_H-M   'P 1'
#
loop_
_entity.id
_entity.type
_entity.pdbx_description
1 polymer 'C3a anaphylatoxin chemotactic receptor'
2 polymer 'Guanine nucleotide-binding protein G(o) subunit alpha'
3 polymer 'Guanine nucleotide-binding protein G(I)/G(S)/G(T) subunit beta-1'
4 polymer 'Guanine nucleotide-binding protein G(I)/G(S)/G(O) subunit gamma-2'
5 polymer 'Antibody fragment - ScFv16'
#
loop_
_entity_poly.entity_id
_entity_poly.type
_entity_poly.pdbx_seq_one_letter_code
_entity_poly.pdbx_strand_id
1 'polypeptide(L)'
;MGKTIIALSYIFCLVFADYKDDDDAANFTPVNGSSGNQSVRLVTSSSLEVLFQGPGSASFSAETNSTDLLSQPWNEPPVI
LSMVILSLTFLLGLPGNGLVLWVAGLKMQRTVNTIWFLHLTLADLLCCLSLPFSLAHLALQGQWPYGRFLCKLIPSIIVL
NMFASVFLLTAISLDRCLVVFKPIWCQNHRNVGMACSICGCIWVVAFVMCIPVFVYREIFTTDNHNRCGYKFGLSSSLDY
PDFYGDPLENRSLENIVQPPGEMNDRLDPSSFQTNDHPWTVPTVFQPQTFQRPSADSLPRGSARLTSQNLYSNVFKPADV
VSPKIPSGFPIEDHETSPLDNSDAFLSTHLKLFPSASSNSFYESELPQGFQDYYNLGQFTDDDQVPTPLVAITITRLVVG
FLLPSVIMIACYSFIVFRMQRGRFAKSQSKTFRVAVVVVAVFLVCWTPYHIFGVLSLLTDPETPLGKTLMSWDHVCIALA
SANSCFNPFLYALLGKDFRKKARQSIQGILEAAFSEELTRSTHCPSNNVISERNSTTV
;
C
2 'polypeptide(L)'
;MGHHHHHHENLYFQGTLSAEERAALERSKAIEKNLKEDGISAAKDVKLLLLGADNSGKSTIVKQMKIIHGGSGGSGGTTG
IVETHFTFKNLHFRLFDVGGQRSERKKWIHCFEDVTAIIFCVDLSDYDQVLHEDETTNRMHESLMLFDSICNNKFFIDTS
IILFLNKKDLFGEKIKKSPLTICFPEYTGPNTYEDAAAYIQAQFESKNRSPNKEIYCHMTCATDTNNAQVIFDAVTDIII
ANNLRGCGLY
;
A
3 'polypeptide(L)'
;MHHHHHHGSSGSELDQLRQEAEQLKNQIRDARKACADATLSQITNNIDPVGRIQMRTRRTLRGHLAKIYAMHWGTDSRLL
VSASQDGKLIIWDSYTTNKVHAIPLRSSWVMTCAYAPSGNYVACGGLDNICSIYNLKTREGNVRVSRELAGHTGYLSCCR
FLDDNQIVTSSGDTTCALWDIETGQQTTTFTGHTGDVMSLSLAPDTRLFVSGACDASAKLWDVREGMCRQTFTGHESDIN
AICFFPNGNAFATGSDDATCRLFDLRADQELMTYSHDNIICGITSVSFSKSGRLLLAGYDDFNCNVWDALKADRAGVLAG
HDNRVSCLGVTDDGMAVATGSWDSFLKIWN
;
B
4 'polypeptide(L)' MASNNTASIAQARKLVEQLKMEANIDRIKVSKAAADLMAYCEAHAKEDPLLTPVPASENPFREKKFFCAIL G
5 'polypeptide(L)'
;DVQLVESGGGLVQPGGSRKLSCSASGFAFSSFGMHWVRQAPEKGLEWVAYISSGSGTIYYADTVKGRFTISRDDPKNTLF
LQMTSLRSEDTAMYYCVRSIYYYGSSPFDFWGQGTTLTVSSGGGGSGGGGSGGGGSDIVMTQATSSVPVTPGESVSISCR
SSKSLLHSNGNTYLYWFLQRPGQSPQLLIYRMSNLASGVPDRFSGSGSGTAFTLTISRLEAEDVGVYYCMQHLEYPLTFG
AGTKLELK
;
H
#
# COMPACT_ATOMS: atom_id res chain seq x y z
N ASN A 75 41.90 36.58 24.49
CA ASN A 75 40.47 36.77 24.34
C ASN A 75 40.16 38.08 23.62
N GLU A 76 40.78 38.27 22.46
CA GLU A 76 40.57 39.49 21.69
C GLU A 76 39.15 39.51 21.11
N PRO A 77 38.61 40.71 20.89
CA PRO A 77 37.26 40.82 20.31
C PRO A 77 37.10 40.02 19.03
N PRO A 78 38.01 40.12 18.05
CA PRO A 78 37.78 39.42 16.78
C PRO A 78 37.68 37.90 16.91
N VAL A 79 38.22 37.31 17.96
CA VAL A 79 38.19 35.87 18.15
C VAL A 79 37.18 35.46 19.22
N ILE A 80 37.01 36.27 20.28
CA ILE A 80 35.97 35.96 21.25
C ILE A 80 34.60 36.08 20.60
N LEU A 81 34.44 37.04 19.67
CA LEU A 81 33.22 37.09 18.88
C LEU A 81 33.07 35.82 18.05
N SER A 82 34.17 35.29 17.53
CA SER A 82 34.11 34.06 16.76
C SER A 82 33.62 32.90 17.60
N MET A 83 34.13 32.76 18.83
CA MET A 83 33.61 31.72 19.71
C MET A 83 32.15 31.96 20.08
N VAL A 84 31.75 33.21 20.27
CA VAL A 84 30.35 33.50 20.60
C VAL A 84 29.44 33.07 19.47
N ILE A 85 29.79 33.44 18.24
CA ILE A 85 28.99 33.07 17.07
C ILE A 85 28.99 31.54 16.89
N LEU A 86 30.15 30.90 17.06
CA LEU A 86 30.21 29.45 16.90
C LEU A 86 29.34 28.75 17.93
N SER A 87 29.37 29.22 19.18
CA SER A 87 28.57 28.60 20.24
C SER A 87 27.08 28.77 19.97
N LEU A 88 26.65 29.99 19.62
CA LEU A 88 25.24 30.20 19.34
C LEU A 88 24.79 29.43 18.12
N THR A 89 25.64 29.36 17.08
CA THR A 89 25.32 28.58 15.90
C THR A 89 25.15 27.10 16.23
N PHE A 90 26.08 26.56 17.03
CA PHE A 90 25.98 25.15 17.41
C PHE A 90 24.70 24.90 18.21
N LEU A 91 24.43 25.74 19.20
CA LEU A 91 23.30 25.54 20.09
C LEU A 91 21.97 25.83 19.41
N LEU A 92 21.97 26.56 18.29
CA LEU A 92 20.75 26.80 17.53
C LEU A 92 20.58 25.80 16.39
N GLY A 93 21.65 25.15 15.95
CA GLY A 93 21.57 24.26 14.82
C GLY A 93 21.45 22.79 15.19
N LEU A 94 22.22 22.32 16.16
CA LEU A 94 22.13 20.91 16.53
C LEU A 94 20.72 20.49 16.91
N PRO A 95 19.97 21.21 17.77
CA PRO A 95 18.58 20.81 18.02
C PRO A 95 17.73 20.87 16.76
N GLY A 96 17.76 22.01 16.07
CA GLY A 96 16.92 22.17 14.90
C GLY A 96 17.26 21.19 13.79
N ASN A 97 18.56 21.06 13.48
CA ASN A 97 18.97 20.13 12.43
C ASN A 97 18.64 18.69 12.80
N GLY A 98 18.91 18.31 14.06
CA GLY A 98 18.60 16.95 14.47
C GLY A 98 17.12 16.63 14.38
N LEU A 99 16.29 17.54 14.89
CA LEU A 99 14.85 17.31 14.84
C LEU A 99 14.34 17.25 13.40
N VAL A 100 14.79 18.18 12.56
CA VAL A 100 14.32 18.21 11.17
C VAL A 100 14.77 16.96 10.43
N LEU A 101 16.02 16.53 10.66
CA LEU A 101 16.50 15.30 10.04
C LEU A 101 15.68 14.09 10.48
N TRP A 102 15.40 14.00 11.78
CA TRP A 102 14.62 12.86 12.28
C TRP A 102 13.24 12.84 11.64
N VAL A 103 12.58 14.01 11.58
CA VAL A 103 11.24 14.08 11.01
C VAL A 103 11.27 13.71 9.52
N ALA A 104 12.17 14.34 8.77
CA ALA A 104 12.23 14.08 7.33
C ALA A 104 12.68 12.67 7.00
N GLY A 105 13.35 11.98 7.93
CA GLY A 105 13.82 10.65 7.67
C GLY A 105 12.83 9.57 8.04
N LEU A 106 12.08 9.77 9.14
CA LEU A 106 11.15 8.74 9.59
C LEU A 106 9.70 9.20 9.51
N LYS A 107 9.38 10.38 10.05
CA LYS A 107 7.99 10.82 10.13
C LYS A 107 7.43 11.15 8.76
N MET A 108 8.23 11.78 7.90
CA MET A 108 7.75 12.26 6.62
C MET A 108 7.87 11.17 5.55
N GLN A 109 7.13 11.37 4.46
CA GLN A 109 7.10 10.41 3.36
C GLN A 109 8.28 10.68 2.42
N ARG A 110 8.23 10.12 1.21
CA ARG A 110 9.30 10.26 0.24
C ARG A 110 8.86 10.97 -1.03
N THR A 111 8.19 12.11 -0.88
CA THR A 111 7.84 12.93 -2.02
C THR A 111 9.11 13.50 -2.66
N VAL A 112 8.95 14.12 -3.83
CA VAL A 112 10.09 14.67 -4.55
C VAL A 112 10.74 15.80 -3.77
N ASN A 113 9.93 16.69 -3.20
CA ASN A 113 10.47 17.86 -2.52
C ASN A 113 11.18 17.52 -1.22
N THR A 114 10.87 16.38 -0.61
CA THR A 114 11.48 16.03 0.67
C THR A 114 12.94 15.62 0.53
N ILE A 115 13.34 15.12 -0.64
CA ILE A 115 14.71 14.66 -0.83
C ILE A 115 15.69 15.84 -0.74
N TRP A 116 15.33 16.97 -1.35
CA TRP A 116 16.19 18.15 -1.29
C TRP A 116 16.41 18.59 0.14
N PHE A 117 15.34 18.66 0.93
CA PHE A 117 15.45 19.04 2.33
C PHE A 117 16.27 18.03 3.12
N LEU A 118 16.08 16.74 2.84
CA LEU A 118 16.84 15.71 3.54
C LEU A 118 18.33 15.88 3.29
N HIS A 119 18.73 16.05 2.03
CA HIS A 119 20.15 16.16 1.72
C HIS A 119 20.73 17.47 2.24
N LEU A 120 19.96 18.56 2.18
CA LEU A 120 20.42 19.83 2.72
C LEU A 120 20.64 19.74 4.23
N THR A 121 19.71 19.11 4.94
CA THR A 121 19.88 18.95 6.38
C THR A 121 21.03 18.00 6.69
N LEU A 122 21.27 17.00 5.84
CA LEU A 122 22.44 16.15 6.03
C LEU A 122 23.73 16.96 5.94
N ALA A 123 23.83 17.81 4.93
CA ALA A 123 25.02 18.65 4.80
C ALA A 123 25.15 19.64 5.96
N ASP A 124 24.02 20.20 6.42
CA ASP A 124 24.08 21.15 7.53
C ASP A 124 24.42 20.46 8.84
N LEU A 125 23.96 19.23 9.05
CA LEU A 125 24.36 18.48 10.23
C LEU A 125 25.83 18.10 10.17
N LEU A 126 26.35 17.79 8.97
CA LEU A 126 27.79 17.57 8.83
C LEU A 126 28.56 18.82 9.20
N CYS A 127 28.10 19.99 8.73
CA CYS A 127 28.78 21.24 9.07
C CYS A 127 28.71 21.52 10.57
N CYS A 128 27.56 21.27 11.19
CA CYS A 128 27.43 21.49 12.63
C CYS A 128 28.30 20.54 13.44
N LEU A 129 28.44 19.30 12.98
CA LEU A 129 29.29 18.34 13.67
C LEU A 129 30.77 18.62 13.44
N SER A 130 31.11 19.26 12.32
CA SER A 130 32.48 19.72 12.10
C SER A 130 32.78 21.04 12.79
N LEU A 131 31.74 21.75 13.23
CA LEU A 131 31.94 22.99 14.00
C LEU A 131 32.83 22.80 15.24
N PRO A 132 32.69 21.74 16.04
CA PRO A 132 33.63 21.58 17.18
C PRO A 132 35.09 21.52 16.76
N PHE A 133 35.38 20.99 15.57
CA PHE A 133 36.76 21.05 15.07
C PHE A 133 37.22 22.49 14.89
N SER A 134 36.33 23.34 14.36
CA SER A 134 36.67 24.76 14.23
C SER A 134 36.84 25.41 15.59
N LEU A 135 36.00 25.05 16.56
CA LEU A 135 36.14 25.59 17.92
C LEU A 135 37.49 25.20 18.52
N ALA A 136 37.88 23.94 18.37
CA ALA A 136 39.17 23.49 18.90
C ALA A 136 40.33 24.18 18.19
N HIS A 137 40.23 24.35 16.87
CA HIS A 137 41.30 25.01 16.13
C HIS A 137 41.44 26.47 16.55
N LEU A 138 40.31 27.17 16.73
CA LEU A 138 40.37 28.57 17.13
C LEU A 138 40.86 28.71 18.57
N ALA A 139 40.49 27.77 19.44
CA ALA A 139 40.90 27.85 20.84
C ALA A 139 42.41 27.65 20.99
N LEU A 140 43.00 26.77 20.18
CA LEU A 140 44.43 26.50 20.22
C LEU A 140 45.23 27.39 19.28
N GLN A 141 44.58 28.33 18.59
CA GLN A 141 45.25 29.22 17.64
C GLN A 141 46.02 28.41 16.59
N GLY A 142 45.35 27.40 16.04
CA GLY A 142 46.02 26.47 15.16
C GLY A 142 46.80 25.41 15.93
N GLN A 143 47.81 24.84 15.28
CA GLN A 143 48.67 23.83 15.88
C GLN A 143 47.85 22.63 16.38
N TRP A 144 47.27 21.91 15.44
CA TRP A 144 46.45 20.75 15.75
C TRP A 144 47.28 19.66 16.42
N PRO A 145 46.91 19.18 17.60
CA PRO A 145 47.69 18.14 18.28
C PRO A 145 47.44 16.74 17.77
N TYR A 146 46.51 16.55 16.83
CA TYR A 146 46.19 15.22 16.32
C TYR A 146 47.23 14.83 15.26
N GLY A 147 46.96 13.74 14.55
CA GLY A 147 47.84 13.28 13.49
C GLY A 147 47.60 14.02 12.19
N ARG A 148 48.39 13.65 11.18
CA ARG A 148 48.26 14.27 9.86
C ARG A 148 46.89 13.97 9.25
N PHE A 149 46.41 12.73 9.40
CA PHE A 149 45.16 12.34 8.76
C PHE A 149 43.97 13.15 9.24
N LEU A 150 43.99 13.59 10.51
CA LEU A 150 42.86 14.37 11.03
C LEU A 150 42.75 15.72 10.34
N CYS A 151 43.87 16.43 10.15
CA CYS A 151 43.83 17.69 9.43
C CYS A 151 43.74 17.49 7.91
N LYS A 152 44.05 16.29 7.43
CA LYS A 152 43.77 15.99 6.02
C LYS A 152 42.28 15.75 5.80
N LEU A 153 41.57 15.28 6.82
CA LEU A 153 40.16 14.96 6.70
C LEU A 153 39.24 16.14 7.03
N ILE A 154 39.38 16.73 8.21
CA ILE A 154 38.37 17.66 8.73
C ILE A 154 38.21 18.90 7.85
N PRO A 155 39.30 19.64 7.51
CA PRO A 155 39.11 20.80 6.61
C PRO A 155 39.11 20.39 5.15
N SER A 156 38.48 19.28 4.86
CA SER A 156 38.01 18.87 3.54
C SER A 156 36.55 18.44 3.58
N ILE A 157 36.14 17.74 4.63
CA ILE A 157 34.73 17.47 4.85
C ILE A 157 34.00 18.77 5.14
N ILE A 158 34.67 19.74 5.78
CA ILE A 158 34.05 21.03 6.01
C ILE A 158 33.70 21.70 4.67
N VAL A 159 34.67 21.76 3.76
CA VAL A 159 34.45 22.39 2.46
C VAL A 159 33.40 21.60 1.67
N LEU A 160 33.45 20.27 1.76
CA LEU A 160 32.46 19.45 1.08
C LEU A 160 31.05 19.76 1.58
N ASN A 161 30.90 19.89 2.90
CA ASN A 161 29.59 20.19 3.47
C ASN A 161 29.09 21.55 3.01
N MET A 162 29.94 22.58 3.06
CA MET A 162 29.50 23.91 2.65
C MET A 162 29.12 23.95 1.17
N PHE A 163 29.96 23.39 0.30
CA PHE A 163 29.62 23.43 -1.12
C PHE A 163 28.43 22.54 -1.46
N ALA A 164 28.23 21.43 -0.75
CA ALA A 164 27.03 20.63 -0.96
C ALA A 164 25.79 21.40 -0.55
N SER A 165 25.86 22.12 0.57
CA SER A 165 24.73 22.95 0.98
C SER A 165 24.41 24.02 -0.06
N VAL A 166 25.44 24.69 -0.58
CA VAL A 166 25.23 25.73 -1.58
C VAL A 166 24.60 25.16 -2.83
N PHE A 167 25.13 24.03 -3.31
CA PHE A 167 24.63 23.45 -4.56
C PHE A 167 23.22 22.89 -4.38
N LEU A 168 22.89 22.38 -3.20
CA LEU A 168 21.52 21.93 -2.97
C LEU A 168 20.54 23.09 -2.89
N LEU A 169 20.96 24.22 -2.32
CA LEU A 169 20.12 25.42 -2.38
C LEU A 169 19.88 25.85 -3.82
N THR A 170 20.93 25.82 -4.64
CA THR A 170 20.76 26.17 -6.05
C THR A 170 19.81 25.21 -6.75
N ALA A 171 19.93 23.91 -6.45
CA ALA A 171 19.03 22.92 -7.05
C ALA A 171 17.59 23.14 -6.60
N ILE A 172 17.39 23.51 -5.33
CA ILE A 172 16.04 23.80 -4.85
C ILE A 172 15.45 24.97 -5.62
N SER A 173 16.24 26.02 -5.84
CA SER A 173 15.76 27.15 -6.62
C SER A 173 15.40 26.72 -8.05
N LEU A 174 16.27 25.92 -8.68
CA LEU A 174 16.01 25.47 -10.04
C LEU A 174 14.72 24.65 -10.11
N ASP A 175 14.50 23.79 -9.12
CA ASP A 175 13.25 23.02 -9.07
C ASP A 175 12.05 23.94 -8.91
N ARG A 176 12.18 24.97 -8.08
CA ARG A 176 11.08 25.90 -7.86
C ARG A 176 10.69 26.63 -9.14
N CYS A 177 11.67 27.03 -9.95
CA CYS A 177 11.35 27.60 -11.25
C CYS A 177 10.78 26.56 -12.21
N LEU A 178 11.30 25.33 -12.17
CA LEU A 178 10.92 24.32 -13.14
C LEU A 178 9.49 23.86 -12.94
N VAL A 179 9.05 23.73 -11.69
CA VAL A 179 7.71 23.21 -11.40
C VAL A 179 6.64 24.25 -11.76
N VAL A 180 7.07 25.44 -12.16
CA VAL A 180 6.18 26.55 -12.45
C VAL A 180 6.18 26.91 -13.94
N PHE A 181 7.36 27.07 -14.52
CA PHE A 181 7.44 27.51 -15.91
C PHE A 181 7.09 26.40 -16.91
N LYS A 182 7.23 25.13 -16.52
CA LYS A 182 6.89 24.00 -17.38
C LYS A 182 5.99 23.05 -16.60
N PRO A 183 4.69 23.35 -16.51
CA PRO A 183 3.80 22.46 -15.74
C PRO A 183 3.53 21.14 -16.44
N ILE A 184 3.50 21.12 -17.77
CA ILE A 184 3.17 19.89 -18.49
C ILE A 184 4.31 18.87 -18.35
N TRP A 185 5.55 19.30 -18.57
CA TRP A 185 6.66 18.36 -18.52
C TRP A 185 6.87 17.81 -17.10
N CYS A 186 6.68 18.66 -16.10
CA CYS A 186 6.93 18.31 -14.70
C CYS A 186 5.86 17.43 -14.09
N GLN A 187 4.98 16.86 -14.91
CA GLN A 187 4.04 15.86 -14.44
C GLN A 187 4.33 14.47 -14.96
N ASN A 188 4.81 14.36 -16.20
CA ASN A 188 5.22 13.07 -16.74
C ASN A 188 6.60 12.67 -16.24
N HIS A 189 7.62 13.47 -16.57
CA HIS A 189 9.00 13.17 -16.19
C HIS A 189 9.40 13.97 -14.97
N ARG A 190 8.81 13.61 -13.83
CA ARG A 190 9.19 14.19 -12.54
C ARG A 190 8.81 13.20 -11.46
N ASN A 191 9.80 12.56 -10.85
CA ASN A 191 9.55 11.56 -9.81
C ASN A 191 10.70 11.61 -8.81
N VAL A 192 10.67 10.68 -7.85
CA VAL A 192 11.69 10.65 -6.80
C VAL A 192 13.05 10.28 -7.38
N GLY A 193 13.07 9.43 -8.41
CA GLY A 193 14.34 8.98 -8.97
C GLY A 193 15.17 10.12 -9.53
N MET A 194 14.52 11.08 -10.19
CA MET A 194 15.25 12.23 -10.72
C MET A 194 15.90 13.03 -9.60
N ALA A 195 15.14 13.28 -8.52
CA ALA A 195 15.69 14.02 -7.39
C ALA A 195 16.86 13.29 -6.75
N CYS A 196 16.72 11.97 -6.58
CA CYS A 196 17.80 11.18 -5.99
C CYS A 196 19.05 11.22 -6.87
N SER A 197 18.87 11.08 -8.19
CA SER A 197 20.02 11.13 -9.09
C SER A 197 20.68 12.49 -9.07
N ILE A 198 19.88 13.57 -9.02
CA ILE A 198 20.46 14.91 -8.97
C ILE A 198 21.23 15.11 -7.68
N CYS A 199 20.69 14.64 -6.55
CA CYS A 199 21.39 14.77 -5.28
C CYS A 199 22.70 13.98 -5.29
N GLY A 200 22.68 12.78 -5.88
CA GLY A 200 23.92 12.03 -6.03
C GLY A 200 24.94 12.76 -6.88
N CYS A 201 24.49 13.39 -7.95
CA CYS A 201 25.39 14.17 -8.79
C CYS A 201 25.98 15.36 -8.02
N ILE A 202 25.17 16.01 -7.19
CA ILE A 202 25.66 17.10 -6.35
C ILE A 202 26.73 16.61 -5.40
N TRP A 203 26.48 15.48 -4.73
CA TRP A 203 27.48 14.94 -3.81
C TRP A 203 28.77 14.60 -4.54
N VAL A 204 28.66 13.98 -5.72
CA VAL A 204 29.84 13.60 -6.48
C VAL A 204 30.64 14.82 -6.92
N VAL A 205 29.96 15.85 -7.42
CA VAL A 205 30.68 17.03 -7.89
C VAL A 205 31.32 17.79 -6.74
N ALA A 206 30.65 17.85 -5.59
CA ALA A 206 31.26 18.48 -4.42
C ALA A 206 32.51 17.72 -3.97
N PHE A 207 32.43 16.39 -3.95
CA PHE A 207 33.60 15.59 -3.56
C PHE A 207 34.74 15.79 -4.56
N VAL A 208 34.42 15.85 -5.85
CA VAL A 208 35.46 16.05 -6.85
C VAL A 208 36.08 17.44 -6.72
N MET A 209 35.26 18.45 -6.42
CA MET A 209 35.76 19.81 -6.31
C MET A 209 36.51 20.08 -5.01
N CYS A 210 36.34 19.23 -4.00
CA CYS A 210 37.06 19.41 -2.74
C CYS A 210 38.33 18.59 -2.66
N ILE A 211 38.88 18.16 -3.79
CA ILE A 211 40.13 17.40 -3.85
C ILE A 211 41.37 18.30 -3.70
N PRO A 212 41.45 19.47 -4.35
CA PRO A 212 42.69 20.28 -4.22
C PRO A 212 43.06 20.63 -2.78
N VAL A 213 42.08 20.90 -1.92
CA VAL A 213 42.40 21.18 -0.52
C VAL A 213 42.88 19.92 0.18
N PHE A 214 42.60 18.75 -0.38
CA PHE A 214 43.03 17.48 0.19
C PHE A 214 44.43 17.09 -0.29
N VAL A 215 44.79 17.44 -1.52
CA VAL A 215 46.06 17.03 -2.10
C VAL A 215 47.15 18.07 -1.89
N TYR A 216 46.81 19.35 -1.96
CA TYR A 216 47.78 20.42 -1.72
C TYR A 216 47.98 20.73 -0.24
N ARG A 217 47.58 19.83 0.65
CA ARG A 217 47.83 20.01 2.08
C ARG A 217 49.28 19.67 2.39
N GLU A 218 49.87 20.46 3.29
CA GLU A 218 51.24 20.26 3.73
C GLU A 218 51.28 20.44 5.24
N ILE A 219 52.34 19.93 5.87
CA ILE A 219 52.58 20.12 7.29
C ILE A 219 53.88 20.90 7.46
N PHE A 220 53.82 21.97 8.24
CA PHE A 220 54.99 22.81 8.49
C PHE A 220 54.93 23.30 9.93
N THR A 221 55.92 22.89 10.73
CA THR A 221 55.95 23.31 12.13
C THR A 221 56.35 24.78 12.24
N THR A 222 57.56 25.11 11.82
CA THR A 222 58.08 26.48 11.74
C THR A 222 58.08 27.21 13.08
N ASP A 223 57.79 26.53 14.18
CA ASP A 223 57.68 27.17 15.48
C ASP A 223 57.79 26.08 16.55
N ASN A 224 57.41 26.43 17.78
CA ASN A 224 57.41 25.45 18.87
C ASN A 224 56.39 24.34 18.62
N HIS A 225 55.20 24.70 18.14
CA HIS A 225 54.14 23.74 17.89
C HIS A 225 53.99 23.47 16.40
N ASN A 226 53.39 22.33 16.07
CA ASN A 226 53.24 21.87 14.69
C ASN A 226 51.88 22.32 14.18
N ARG A 227 51.88 23.38 13.38
CA ARG A 227 50.64 23.91 12.84
C ARG A 227 50.24 23.18 11.56
N CYS A 228 49.01 23.43 11.12
CA CYS A 228 48.47 22.83 9.91
C CYS A 228 48.06 23.95 8.95
N GLY A 229 48.57 23.87 7.73
CA GLY A 229 48.31 24.90 6.74
C GLY A 229 49.13 24.62 5.48
N TYR A 230 48.94 25.48 4.49
CA TYR A 230 49.62 25.33 3.21
C TYR A 230 49.89 26.68 2.54
N THR A 387 49.31 29.38 -8.56
CA THR A 387 48.64 28.13 -8.86
C THR A 387 48.15 27.37 -7.61
N PRO A 388 49.01 27.17 -6.60
CA PRO A 388 48.52 26.48 -5.38
C PRO A 388 47.39 27.21 -4.68
N LEU A 389 47.36 28.54 -4.72
CA LEU A 389 46.39 29.31 -3.97
C LEU A 389 45.49 30.18 -4.83
N VAL A 390 45.99 30.75 -5.93
CA VAL A 390 45.16 31.62 -6.75
C VAL A 390 44.09 30.83 -7.47
N ALA A 391 44.45 29.68 -8.06
CA ALA A 391 43.50 28.91 -8.84
C ALA A 391 42.39 28.34 -7.95
N ILE A 392 42.75 27.80 -6.79
CA ILE A 392 41.74 27.24 -5.90
C ILE A 392 40.82 28.33 -5.38
N THR A 393 41.38 29.50 -5.06
CA THR A 393 40.56 30.60 -4.57
C THR A 393 39.59 31.09 -5.63
N ILE A 394 40.06 31.23 -6.88
CA ILE A 394 39.18 31.66 -7.96
C ILE A 394 38.08 30.63 -8.20
N THR A 395 38.44 29.34 -8.22
CA THR A 395 37.45 28.30 -8.45
C THR A 395 36.39 28.29 -7.35
N ARG A 396 36.83 28.36 -6.08
CA ARG A 396 35.90 28.38 -4.97
C ARG A 396 34.97 29.59 -5.07
N LEU A 397 35.52 30.78 -5.27
CA LEU A 397 34.69 31.97 -5.35
C LEU A 397 33.69 31.88 -6.49
N VAL A 398 34.14 31.46 -7.67
CA VAL A 398 33.23 31.35 -8.81
C VAL A 398 32.09 30.40 -8.49
N VAL A 399 32.41 29.13 -8.22
CA VAL A 399 31.38 28.11 -8.08
C VAL A 399 30.67 28.16 -6.73
N GLY A 400 31.01 29.12 -5.87
CA GLY A 400 30.27 29.27 -4.64
C GLY A 400 29.52 30.57 -4.54
N PHE A 401 29.85 31.54 -5.39
CA PHE A 401 29.22 32.85 -5.33
C PHE A 401 28.49 33.23 -6.60
N LEU A 402 29.12 33.10 -7.77
CA LEU A 402 28.52 33.67 -8.97
C LEU A 402 27.32 32.86 -9.44
N LEU A 403 27.54 31.61 -9.83
CA LEU A 403 26.43 30.79 -10.33
C LEU A 403 25.32 30.62 -9.29
N PRO A 404 25.61 30.27 -8.02
CA PRO A 404 24.50 30.14 -7.05
C PRO A 404 23.68 31.41 -6.91
N SER A 405 24.33 32.56 -6.68
CA SER A 405 23.59 33.79 -6.43
C SER A 405 22.84 34.26 -7.67
N VAL A 406 23.48 34.21 -8.84
CA VAL A 406 22.82 34.67 -10.06
C VAL A 406 21.63 33.78 -10.38
N ILE A 407 21.80 32.46 -10.29
CA ILE A 407 20.70 31.54 -10.56
C ILE A 407 19.56 31.78 -9.57
N MET A 408 19.88 31.92 -8.28
CA MET A 408 18.85 32.09 -7.26
C MET A 408 18.08 33.38 -7.50
N ILE A 409 18.79 34.48 -7.77
CA ILE A 409 18.14 35.78 -7.95
C ILE A 409 17.26 35.76 -9.20
N ALA A 410 17.81 35.27 -10.32
CA ALA A 410 17.03 35.25 -11.56
C ALA A 410 15.81 34.35 -11.43
N CYS A 411 15.98 33.19 -10.79
CA CYS A 411 14.86 32.26 -10.64
C CYS A 411 13.76 32.86 -9.78
N TYR A 412 14.12 33.47 -8.65
CA TYR A 412 13.09 34.05 -7.80
C TYR A 412 12.43 35.26 -8.44
N SER A 413 13.19 36.05 -9.21
CA SER A 413 12.57 37.14 -9.96
C SER A 413 11.56 36.60 -10.97
N PHE A 414 11.91 35.52 -11.67
CA PHE A 414 10.98 34.94 -12.63
C PHE A 414 9.74 34.39 -11.95
N ILE A 415 9.91 33.74 -10.79
CA ILE A 415 8.76 33.19 -10.07
C ILE A 415 7.83 34.31 -9.59
N VAL A 416 8.41 35.41 -9.08
CA VAL A 416 7.59 36.54 -8.66
C VAL A 416 6.86 37.15 -9.85
N PHE A 417 7.55 37.26 -10.99
CA PHE A 417 6.93 37.83 -12.18
C PHE A 417 5.76 36.97 -12.66
N ARG A 418 5.93 35.65 -12.66
CA ARG A 418 4.88 34.76 -13.15
C ARG A 418 3.61 34.86 -12.30
N MET A 419 3.76 35.24 -11.03
CA MET A 419 2.62 35.31 -10.11
C MET A 419 1.84 36.61 -10.23
N GLN A 420 1.92 37.30 -11.38
CA GLN A 420 1.23 38.57 -11.60
C GLN A 420 0.43 38.51 -12.90
N ARG A 421 -0.30 37.41 -13.10
CA ARG A 421 -1.07 37.22 -14.32
C ARG A 421 -2.53 36.86 -14.09
N GLY A 422 -2.87 36.20 -12.98
CA GLY A 422 -4.24 35.79 -12.74
C GLY A 422 -4.30 34.61 -11.79
N ARG A 423 -5.24 34.64 -10.84
CA ARG A 423 -5.41 33.66 -9.79
C ARG A 423 -4.27 33.77 -8.78
N PHE A 424 -3.30 34.64 -9.07
CA PHE A 424 -2.16 34.87 -8.20
C PHE A 424 -2.03 36.33 -7.79
N ALA A 425 -2.97 37.19 -8.17
CA ALA A 425 -2.88 38.60 -7.81
C ALA A 425 -3.07 38.81 -6.31
N LYS A 426 -3.94 38.02 -5.67
CA LYS A 426 -4.06 38.07 -4.22
C LYS A 426 -2.75 37.65 -3.56
N SER A 427 -2.04 36.72 -4.19
CA SER A 427 -0.70 36.33 -3.78
C SER A 427 0.31 37.35 -4.32
N GLN A 428 1.60 36.98 -4.29
CA GLN A 428 2.75 37.78 -4.73
C GLN A 428 3.17 38.74 -3.61
N SER A 429 2.44 38.79 -2.50
CA SER A 429 2.86 39.55 -1.33
C SER A 429 3.67 38.72 -0.36
N LYS A 430 3.34 37.45 -0.20
CA LYS A 430 4.11 36.54 0.65
C LYS A 430 5.26 35.87 -0.11
N THR A 431 5.04 35.55 -1.39
CA THR A 431 6.10 34.92 -2.18
C THR A 431 7.28 35.86 -2.36
N PHE A 432 7.00 37.14 -2.62
CA PHE A 432 8.07 38.13 -2.75
C PHE A 432 8.86 38.26 -1.45
N ARG A 433 8.15 38.29 -0.32
CA ARG A 433 8.82 38.39 0.97
C ARG A 433 9.71 37.18 1.21
N VAL A 434 9.20 35.97 0.93
CA VAL A 434 9.99 34.77 1.15
C VAL A 434 11.23 34.76 0.27
N ALA A 435 11.06 35.11 -1.02
CA ALA A 435 12.19 35.10 -1.93
C ALA A 435 13.25 36.12 -1.50
N VAL A 436 12.82 37.33 -1.15
CA VAL A 436 13.78 38.37 -0.82
C VAL A 436 14.49 38.05 0.49
N VAL A 437 13.78 37.48 1.47
CA VAL A 437 14.44 37.15 2.73
C VAL A 437 15.43 36.01 2.54
N VAL A 438 15.07 35.02 1.71
CA VAL A 438 16.00 33.91 1.46
C VAL A 438 17.26 34.42 0.77
N VAL A 439 17.09 35.27 -0.26
CA VAL A 439 18.24 35.79 -0.99
C VAL A 439 19.10 36.65 -0.08
N ALA A 440 18.47 37.51 0.74
CA ALA A 440 19.23 38.37 1.63
C ALA A 440 20.02 37.57 2.65
N VAL A 441 19.41 36.53 3.24
CA VAL A 441 20.14 35.71 4.20
C VAL A 441 21.30 35.01 3.52
N PHE A 442 21.06 34.43 2.33
CA PHE A 442 22.13 33.74 1.62
C PHE A 442 23.29 34.67 1.31
N LEU A 443 22.99 35.90 0.89
CA LEU A 443 24.04 36.84 0.47
C LEU A 443 24.66 37.60 1.63
N VAL A 444 24.09 37.55 2.83
CA VAL A 444 24.71 38.22 3.96
C VAL A 444 25.53 37.19 4.74
N CYS A 445 25.15 35.92 4.63
CA CYS A 445 25.85 34.88 5.37
C CYS A 445 27.11 34.38 4.69
N TRP A 446 27.26 34.58 3.38
CA TRP A 446 28.38 34.00 2.65
C TRP A 446 29.37 35.00 2.09
N THR A 447 28.93 36.21 1.76
CA THR A 447 29.77 37.13 0.99
C THR A 447 31.07 37.53 1.71
N PRO A 448 31.06 37.87 3.01
CA PRO A 448 32.32 38.29 3.67
C PRO A 448 33.45 37.27 3.56
N TYR A 449 33.09 35.98 3.65
CA TYR A 449 34.08 34.92 3.53
C TYR A 449 34.85 35.06 2.22
N HIS A 450 34.15 35.18 1.11
CA HIS A 450 34.81 35.30 -0.19
C HIS A 450 35.54 36.64 -0.30
N ILE A 451 34.95 37.71 0.25
CA ILE A 451 35.60 39.02 0.19
C ILE A 451 36.98 38.96 0.80
N PHE A 452 37.08 38.42 2.03
CA PHE A 452 38.37 38.35 2.70
C PHE A 452 39.26 37.27 2.12
N GLY A 453 38.71 36.19 1.56
CA GLY A 453 39.53 35.22 0.87
C GLY A 453 40.28 35.84 -0.31
N VAL A 454 39.59 36.69 -1.09
CA VAL A 454 40.26 37.39 -2.18
C VAL A 454 41.19 38.47 -1.64
N LEU A 455 40.75 39.22 -0.63
CA LEU A 455 41.56 40.32 -0.13
C LEU A 455 42.84 39.83 0.54
N SER A 456 42.86 38.60 1.02
CA SER A 456 44.11 38.00 1.50
C SER A 456 45.07 37.76 0.35
N LEU A 457 44.57 37.38 -0.82
CA LEU A 457 45.43 37.27 -2.00
C LEU A 457 45.86 38.64 -2.49
N LEU A 458 45.04 39.66 -2.26
CA LEU A 458 45.37 41.02 -2.68
C LEU A 458 46.28 41.74 -1.69
N THR A 459 46.11 41.51 -0.40
CA THR A 459 46.89 42.17 0.64
C THR A 459 47.97 41.24 1.17
N ASP A 460 49.21 41.72 1.22
CA ASP A 460 50.32 40.90 1.65
C ASP A 460 50.27 40.66 3.16
N PRO A 461 50.93 39.60 3.64
CA PRO A 461 50.92 39.30 5.07
C PRO A 461 51.97 40.06 5.85
N GLU A 462 52.05 39.82 7.16
CA GLU A 462 52.97 40.46 8.10
C GLU A 462 52.70 41.95 8.25
N THR A 463 51.54 42.43 7.80
CA THR A 463 51.13 43.81 7.90
C THR A 463 49.75 43.87 8.53
N PRO A 464 49.38 45.02 9.12
CA PRO A 464 48.01 45.16 9.62
C PRO A 464 46.96 44.90 8.56
N LEU A 465 47.23 45.30 7.32
CA LEU A 465 46.39 44.93 6.18
C LEU A 465 46.67 43.48 5.83
N GLY A 466 45.92 42.58 6.46
CA GLY A 466 46.19 41.16 6.41
C GLY A 466 46.13 40.58 7.80
N LYS A 467 46.68 41.31 8.79
CA LYS A 467 46.47 40.93 10.18
C LYS A 467 45.00 41.07 10.56
N THR A 468 44.38 42.19 10.17
CA THR A 468 42.93 42.33 10.37
C THR A 468 42.17 41.26 9.60
N LEU A 469 42.67 40.93 8.40
CA LEU A 469 42.01 39.92 7.57
C LEU A 469 42.00 38.57 8.26
N MET A 470 43.15 38.15 8.79
CA MET A 470 43.22 36.86 9.48
C MET A 470 42.47 36.90 10.80
N SER A 471 42.39 38.07 11.45
CA SER A 471 41.60 38.19 12.65
C SER A 471 40.10 37.99 12.37
N TRP A 472 39.62 38.56 11.26
CA TRP A 472 38.21 38.47 10.92
C TRP A 472 37.86 37.23 10.11
N ASP A 473 38.85 36.46 9.67
CA ASP A 473 38.56 35.20 8.98
C ASP A 473 37.81 34.23 9.89
N HIS A 474 38.11 34.26 11.19
CA HIS A 474 37.37 33.42 12.13
C HIS A 474 35.89 33.82 12.16
N VAL A 475 35.59 35.12 12.17
CA VAL A 475 34.21 35.57 12.14
C VAL A 475 33.55 35.18 10.82
N CYS A 476 34.31 35.24 9.72
CA CYS A 476 33.76 34.81 8.44
C CYS A 476 33.38 33.33 8.45
N ILE A 477 34.26 32.48 9.00
CA ILE A 477 33.97 31.06 9.09
C ILE A 477 32.78 30.82 10.03
N ALA A 478 32.68 31.61 11.10
CA ALA A 478 31.55 31.50 12.00
C ALA A 478 30.24 31.83 11.30
N LEU A 479 30.24 32.88 10.46
CA LEU A 479 29.05 33.22 9.70
C LEU A 479 28.71 32.14 8.68
N ALA A 480 29.73 31.57 8.05
CA ALA A 480 29.51 30.48 7.10
C ALA A 480 28.86 29.28 7.79
N SER A 481 29.30 28.96 9.01
CA SER A 481 28.67 27.89 9.77
C SER A 481 27.25 28.29 10.20
N ALA A 482 27.05 29.57 10.54
CA ALA A 482 25.73 30.02 10.97
C ALA A 482 24.70 29.91 9.86
N ASN A 483 25.13 30.07 8.60
CA ASN A 483 24.19 29.90 7.50
C ASN A 483 23.62 28.49 7.48
N SER A 484 24.42 27.49 7.85
CA SER A 484 23.95 26.11 7.86
C SER A 484 22.81 25.91 8.84
N CYS A 485 22.91 26.53 10.03
CA CYS A 485 21.82 26.44 10.99
C CYS A 485 20.65 27.33 10.62
N PHE A 486 20.91 28.40 9.87
CA PHE A 486 19.83 29.28 9.42
C PHE A 486 18.99 28.64 8.32
N ASN A 487 19.60 27.78 7.50
CA ASN A 487 18.90 27.19 6.36
C ASN A 487 17.62 26.45 6.73
N PRO A 488 17.59 25.57 7.74
CA PRO A 488 16.33 24.86 8.03
C PRO A 488 15.18 25.78 8.42
N PHE A 489 15.47 26.86 9.14
CA PHE A 489 14.42 27.78 9.57
C PHE A 489 13.82 28.56 8.41
N LEU A 490 14.43 28.53 7.24
CA LEU A 490 13.89 29.19 6.06
C LEU A 490 13.43 28.24 4.98
N TYR A 491 13.87 26.98 5.01
CA TYR A 491 13.48 26.00 4.01
C TYR A 491 12.56 24.92 4.56
N ALA A 492 12.95 24.25 5.65
CA ALA A 492 12.17 23.13 6.14
C ALA A 492 10.89 23.60 6.82
N LEU A 493 10.96 24.66 7.62
CA LEU A 493 9.85 25.08 8.45
C LEU A 493 8.83 25.94 7.71
N LEU A 494 9.12 26.35 6.47
CA LEU A 494 8.12 27.05 5.68
C LEU A 494 7.09 26.12 5.06
N GLY A 495 7.37 24.82 5.06
CA GLY A 495 6.45 23.80 4.57
C GLY A 495 5.42 23.41 5.61
N LYS A 496 4.39 24.24 5.77
CA LYS A 496 3.39 24.13 6.82
C LYS A 496 3.04 22.69 7.21
N ASP A 497 2.91 21.80 6.22
CA ASP A 497 2.68 20.39 6.52
C ASP A 497 3.85 19.79 7.31
N PHE A 498 5.08 20.10 6.91
CA PHE A 498 6.24 19.64 7.65
C PHE A 498 6.28 20.26 9.05
N ARG A 499 5.84 21.52 9.16
CA ARG A 499 5.76 22.16 10.48
C ARG A 499 4.79 21.41 11.38
N LYS A 500 3.63 21.03 10.85
CA LYS A 500 2.66 20.29 11.65
C LYS A 500 3.20 18.90 12.01
N LYS A 501 3.89 18.25 11.08
CA LYS A 501 4.46 16.94 11.38
C LYS A 501 5.51 17.03 12.47
N ALA A 502 6.37 18.06 12.40
CA ALA A 502 7.39 18.24 13.44
C ALA A 502 6.74 18.57 14.79
N ARG A 503 5.68 19.38 14.79
CA ARG A 503 4.98 19.67 16.04
C ARG A 503 4.37 18.41 16.63
N GLN A 504 3.78 17.56 15.78
CA GLN A 504 3.24 16.30 16.27
C GLN A 504 4.34 15.39 16.82
N SER A 505 5.48 15.33 16.14
CA SER A 505 6.57 14.46 16.59
C SER A 505 7.16 14.96 17.91
N ILE A 506 7.33 16.27 18.06
CA ILE A 506 7.91 16.83 19.27
C ILE A 506 6.87 16.85 20.39
N SER B 18 17.73 -20.24 6.35
CA SER B 18 17.29 -19.96 4.98
C SER B 18 17.79 -21.05 4.03
N ALA B 19 16.96 -22.07 3.82
CA ALA B 19 17.32 -23.19 2.97
C ALA B 19 16.72 -23.06 1.57
N GLU B 20 15.39 -22.95 1.48
CA GLU B 20 14.73 -22.69 0.21
C GLU B 20 13.79 -21.49 0.27
N GLU B 21 13.71 -20.80 1.42
CA GLU B 21 12.95 -19.58 1.52
C GLU B 21 13.56 -18.42 0.73
N ARG B 22 14.80 -18.58 0.26
CA ARG B 22 15.43 -17.54 -0.54
C ARG B 22 14.72 -17.34 -1.87
N ALA B 23 14.19 -18.43 -2.45
CA ALA B 23 13.40 -18.27 -3.67
C ALA B 23 12.11 -17.51 -3.39
N ALA B 24 11.48 -17.75 -2.23
CA ALA B 24 10.30 -16.98 -1.86
C ALA B 24 10.63 -15.51 -1.68
N LEU B 25 11.79 -15.23 -1.07
CA LEU B 25 12.21 -13.83 -0.92
C LEU B 25 12.47 -13.18 -2.28
N GLU B 26 13.08 -13.92 -3.21
CA GLU B 26 13.30 -13.40 -4.55
C GLU B 26 11.99 -13.09 -5.25
N ARG B 27 11.01 -14.00 -5.13
CA ARG B 27 9.69 -13.75 -5.72
C ARG B 27 9.03 -12.52 -5.11
N SER B 28 9.11 -12.37 -3.79
CA SER B 28 8.53 -11.21 -3.14
C SER B 28 9.18 -9.92 -3.62
N LYS B 29 10.51 -9.91 -3.73
CA LYS B 29 11.20 -8.72 -4.21
C LYS B 29 10.81 -8.39 -5.65
N ALA B 30 10.69 -9.42 -6.50
CA ALA B 30 10.32 -9.19 -7.89
C ALA B 30 8.93 -8.57 -7.99
N ILE B 31 7.96 -9.11 -7.24
CA ILE B 31 6.62 -8.54 -7.34
C ILE B 31 6.52 -7.18 -6.66
N GLU B 32 7.35 -6.91 -5.65
CA GLU B 32 7.40 -5.56 -5.09
C GLU B 32 7.93 -4.57 -6.12
N LYS B 33 8.95 -4.96 -6.87
CA LYS B 33 9.45 -4.10 -7.94
C LYS B 33 8.38 -3.87 -9.01
N ASN B 34 7.62 -4.91 -9.33
CA ASN B 34 6.53 -4.75 -10.30
C ASN B 34 5.47 -3.77 -9.78
N LEU B 35 5.11 -3.87 -8.50
CA LEU B 35 4.16 -2.92 -7.93
C LEU B 35 4.68 -1.49 -8.00
N LYS B 36 5.96 -1.29 -7.66
CA LYS B 36 6.53 0.06 -7.72
C LYS B 36 6.51 0.60 -9.13
N GLU B 37 6.88 -0.21 -10.11
CA GLU B 37 6.86 0.23 -11.50
C GLU B 37 5.45 0.58 -11.96
N ASP B 38 4.46 -0.25 -11.57
CA ASP B 38 3.07 0.04 -11.93
C ASP B 38 2.60 1.35 -11.33
N GLY B 39 2.95 1.60 -10.06
CA GLY B 39 2.56 2.86 -9.43
C GLY B 39 3.19 4.07 -10.11
N ILE B 40 4.49 3.97 -10.42
CA ILE B 40 5.16 5.08 -11.10
C ILE B 40 4.53 5.34 -12.46
N SER B 41 4.20 4.27 -13.19
CA SER B 41 3.60 4.44 -14.51
C SER B 41 2.20 5.05 -14.41
N ALA B 42 1.41 4.64 -13.41
CA ALA B 42 0.05 5.12 -13.29
C ALA B 42 -0.06 6.48 -12.62
N ALA B 43 1.00 6.98 -11.99
CA ALA B 43 0.94 8.28 -11.33
C ALA B 43 0.85 9.45 -12.29
N LYS B 44 1.02 9.24 -13.59
CA LYS B 44 1.09 10.34 -14.55
C LYS B 44 -0.26 10.74 -15.12
N ASP B 45 -1.35 10.07 -14.75
CA ASP B 45 -2.65 10.32 -15.35
C ASP B 45 -3.32 11.53 -14.73
N VAL B 46 -4.00 12.31 -15.56
CA VAL B 46 -4.78 13.47 -15.10
C VAL B 46 -6.22 13.02 -14.90
N LYS B 47 -6.68 13.07 -13.66
CA LYS B 47 -8.04 12.66 -13.33
C LYS B 47 -8.96 13.87 -13.30
N LEU B 48 -10.17 13.70 -13.85
CA LEU B 48 -11.19 14.73 -13.83
C LEU B 48 -12.52 14.10 -13.45
N LEU B 49 -13.29 14.80 -12.63
CA LEU B 49 -14.61 14.35 -12.21
C LEU B 49 -15.67 15.21 -12.89
N LEU B 50 -16.65 14.56 -13.51
CA LEU B 50 -17.69 15.23 -14.27
C LEU B 50 -19.01 15.08 -13.54
N LEU B 51 -19.63 16.21 -13.20
CA LEU B 51 -20.92 16.23 -12.52
C LEU B 51 -21.86 17.18 -13.25
N GLY B 52 -23.03 17.37 -12.69
CA GLY B 52 -24.06 18.22 -13.28
C GLY B 52 -25.42 17.57 -13.19
N ALA B 53 -26.45 18.36 -13.48
CA ALA B 53 -27.81 17.87 -13.42
C ALA B 53 -28.08 16.89 -14.57
N ASP B 54 -29.16 16.12 -14.43
CA ASP B 54 -29.51 15.12 -15.42
C ASP B 54 -29.99 15.79 -16.71
N ASN B 55 -29.63 15.19 -17.84
CA ASN B 55 -30.01 15.69 -19.17
C ASN B 55 -29.57 17.15 -19.36
N SER B 56 -28.34 17.45 -18.94
CA SER B 56 -27.78 18.79 -19.05
C SER B 56 -26.68 18.88 -20.10
N GLY B 57 -26.56 17.86 -20.96
CA GLY B 57 -25.53 17.85 -21.98
C GLY B 57 -24.22 17.20 -21.58
N LYS B 58 -24.21 16.43 -20.48
CA LYS B 58 -22.98 15.72 -20.11
C LYS B 58 -22.58 14.71 -21.18
N SER B 59 -23.56 13.99 -21.73
CA SER B 59 -23.27 13.03 -22.78
C SER B 59 -22.68 13.72 -24.02
N THR B 60 -23.20 14.90 -24.35
CA THR B 60 -22.70 15.62 -25.52
C THR B 60 -21.22 15.96 -25.37
N ILE B 61 -20.83 16.47 -24.21
CA ILE B 61 -19.42 16.85 -24.04
C ILE B 61 -18.54 15.61 -23.88
N VAL B 62 -19.04 14.55 -23.24
CA VAL B 62 -18.20 13.36 -23.10
C VAL B 62 -18.02 12.66 -24.44
N LYS B 63 -18.95 12.84 -25.38
CA LYS B 63 -18.79 12.35 -26.74
C LYS B 63 -18.17 13.38 -27.67
N GLN B 64 -17.90 14.59 -27.18
CA GLN B 64 -17.33 15.65 -28.01
C GLN B 64 -15.80 15.68 -27.98
N MET B 65 -15.17 15.23 -26.90
CA MET B 65 -13.71 15.13 -26.85
C MET B 65 -13.22 13.71 -27.08
N LYS B 66 -13.88 12.98 -28.00
CA LYS B 66 -13.46 11.66 -28.47
C LYS B 66 -13.70 10.58 -27.43
N ILE B 67 -14.08 9.40 -27.89
CA ILE B 67 -14.35 8.24 -27.03
C ILE B 67 -15.45 8.57 -26.02
N THR B 79 -21.83 -0.05 -16.04
CA THR B 79 -23.03 0.77 -15.93
C THR B 79 -22.95 1.71 -14.74
N GLY B 80 -22.21 1.29 -13.72
CA GLY B 80 -22.02 2.11 -12.54
C GLY B 80 -21.20 3.36 -12.81
N ILE B 81 -19.93 3.18 -13.17
CA ILE B 81 -19.03 4.27 -13.50
C ILE B 81 -18.55 4.09 -14.93
N VAL B 82 -18.56 5.18 -15.70
CA VAL B 82 -18.13 5.17 -17.10
C VAL B 82 -16.91 6.06 -17.22
N GLU B 83 -15.78 5.46 -17.60
CA GLU B 83 -14.52 6.16 -17.73
C GLU B 83 -14.22 6.40 -19.21
N THR B 84 -13.84 7.64 -19.54
CA THR B 84 -13.53 8.03 -20.92
C THR B 84 -12.16 8.68 -20.92
N HIS B 85 -11.14 7.90 -21.27
CA HIS B 85 -9.77 8.40 -21.31
C HIS B 85 -9.37 8.79 -22.73
N PHE B 86 -8.66 9.91 -22.84
CA PHE B 86 -8.16 10.40 -24.11
C PHE B 86 -6.93 11.25 -23.87
N THR B 87 -6.17 11.50 -24.93
CA THR B 87 -4.92 12.25 -24.86
C THR B 87 -5.05 13.55 -25.64
N PHE B 88 -4.65 14.65 -25.00
CA PHE B 88 -4.61 15.96 -25.64
C PHE B 88 -3.35 16.69 -25.20
N LYS B 89 -2.47 16.99 -26.14
CA LYS B 89 -1.24 17.74 -25.88
C LYS B 89 -0.43 17.10 -24.76
N ASN B 90 -0.21 15.80 -24.88
CA ASN B 90 0.61 14.98 -23.98
C ASN B 90 0.01 14.85 -22.58
N LEU B 91 -1.26 15.21 -22.39
CA LEU B 91 -1.93 15.07 -21.11
C LEU B 91 -2.97 13.96 -21.23
N HIS B 92 -2.79 12.89 -20.46
CA HIS B 92 -3.72 11.76 -20.46
C HIS B 92 -4.87 12.09 -19.50
N PHE B 93 -5.98 12.55 -20.04
CA PHE B 93 -7.14 12.88 -19.21
C PHE B 93 -7.97 11.63 -18.95
N ARG B 94 -8.20 11.32 -17.68
CA ARG B 94 -9.06 10.22 -17.27
C ARG B 94 -10.34 10.83 -16.72
N LEU B 95 -11.38 10.87 -17.54
CA LEU B 95 -12.64 11.52 -17.21
C LEU B 95 -13.64 10.47 -16.76
N PHE B 96 -14.16 10.62 -15.54
CA PHE B 96 -15.08 9.66 -14.94
C PHE B 96 -16.48 10.25 -14.91
N ASP B 97 -17.38 9.68 -15.71
CA ASP B 97 -18.80 10.02 -15.67
C ASP B 97 -19.46 9.08 -14.68
N VAL B 98 -19.73 9.57 -13.47
CA VAL B 98 -20.26 8.76 -12.39
C VAL B 98 -21.76 9.01 -12.20
N GLY B 99 -22.44 9.49 -13.23
CA GLY B 99 -23.86 9.79 -13.12
C GLY B 99 -24.76 8.58 -13.03
N GLY B 100 -24.23 7.38 -13.27
CA GLY B 100 -25.05 6.18 -13.23
C GLY B 100 -25.33 5.61 -11.86
N GLN B 101 -24.69 6.14 -10.81
CA GLN B 101 -24.86 5.64 -9.46
C GLN B 101 -25.99 6.41 -8.80
N ARG B 102 -27.19 5.81 -8.77
CA ARG B 102 -28.35 6.42 -8.12
C ARG B 102 -28.43 5.94 -6.68
N SER B 103 -27.53 6.50 -5.85
CA SER B 103 -27.46 6.14 -4.45
C SER B 103 -27.00 7.36 -3.66
N GLU B 104 -26.66 7.15 -2.39
CA GLU B 104 -26.24 8.24 -1.53
C GLU B 104 -24.82 8.65 -1.88
N ARG B 105 -24.62 9.94 -2.17
CA ARG B 105 -23.30 10.42 -2.55
C ARG B 105 -22.30 10.31 -1.40
N LYS B 106 -22.75 10.62 -0.18
CA LYS B 106 -21.83 10.71 0.96
C LYS B 106 -21.13 9.40 1.26
N LYS B 107 -21.68 8.27 0.83
CA LYS B 107 -21.06 6.97 1.11
C LYS B 107 -19.99 6.58 0.10
N TRP B 108 -19.86 7.29 -1.02
CA TRP B 108 -18.81 6.99 -1.98
C TRP B 108 -18.13 8.22 -2.57
N ILE B 109 -18.51 9.43 -2.18
CA ILE B 109 -17.90 10.62 -2.74
C ILE B 109 -16.50 10.84 -2.18
N HIS B 110 -16.16 10.23 -1.05
CA HIS B 110 -14.86 10.47 -0.43
C HIS B 110 -13.71 9.83 -1.18
N CYS B 111 -13.99 8.87 -2.07
CA CYS B 111 -12.94 8.20 -2.81
C CYS B 111 -12.54 8.96 -4.07
N PHE B 112 -13.26 10.02 -4.42
CA PHE B 112 -12.97 10.82 -5.61
C PHE B 112 -12.10 12.02 -5.29
N GLU B 113 -11.63 12.15 -4.05
CA GLU B 113 -10.72 13.22 -3.69
C GLU B 113 -9.37 13.01 -4.38
N ASP B 114 -8.47 13.98 -4.21
CA ASP B 114 -7.19 14.06 -4.89
C ASP B 114 -7.35 14.20 -6.41
N VAL B 115 -8.55 14.47 -6.89
CA VAL B 115 -8.79 14.69 -8.31
C VAL B 115 -8.31 16.09 -8.68
N THR B 116 -7.85 16.24 -9.92
CA THR B 116 -7.29 17.52 -10.35
C THR B 116 -8.35 18.62 -10.38
N ALA B 117 -9.54 18.33 -10.90
CA ALA B 117 -10.58 19.33 -11.02
C ALA B 117 -11.92 18.64 -11.16
N ILE B 118 -12.99 19.42 -10.96
CA ILE B 118 -14.36 18.94 -11.07
C ILE B 118 -15.02 19.71 -12.20
N ILE B 119 -15.52 18.99 -13.21
CA ILE B 119 -16.25 19.61 -14.32
C ILE B 119 -17.73 19.64 -13.96
N PHE B 120 -18.35 20.80 -14.08
CA PHE B 120 -19.76 21.00 -13.76
C PHE B 120 -20.48 21.48 -15.01
N CYS B 121 -21.47 20.71 -15.45
CA CYS B 121 -22.22 21.01 -16.67
C CYS B 121 -23.66 21.32 -16.30
N VAL B 122 -24.20 22.42 -16.85
CA VAL B 122 -25.56 22.86 -16.57
C VAL B 122 -26.21 23.28 -17.89
N ASP B 123 -27.47 22.89 -18.07
CA ASP B 123 -28.21 23.21 -19.28
C ASP B 123 -28.82 24.60 -19.14
N LEU B 124 -28.36 25.53 -19.98
CA LEU B 124 -28.83 26.91 -19.89
C LEU B 124 -30.23 27.11 -20.45
N SER B 125 -30.69 26.20 -21.30
CA SER B 125 -32.02 26.35 -21.89
C SER B 125 -33.12 26.13 -20.85
N ASP B 126 -32.99 25.08 -20.04
CA ASP B 126 -34.01 24.76 -19.05
C ASP B 126 -33.89 25.66 -17.83
N ARG B 139 -35.01 23.21 -13.88
CA ARG B 139 -33.73 22.52 -13.94
C ARG B 139 -32.58 23.47 -13.64
N MET B 140 -32.87 24.53 -12.88
CA MET B 140 -31.87 25.51 -12.48
C MET B 140 -31.72 25.64 -10.98
N HIS B 141 -32.83 25.57 -10.23
CA HIS B 141 -32.72 25.54 -8.77
C HIS B 141 -32.00 24.28 -8.30
N GLU B 142 -32.31 23.14 -8.93
CA GLU B 142 -31.61 21.91 -8.60
C GLU B 142 -30.12 22.02 -8.91
N SER B 143 -29.77 22.65 -10.04
CA SER B 143 -28.37 22.83 -10.40
C SER B 143 -27.66 23.70 -9.37
N LEU B 144 -28.31 24.80 -8.94
CA LEU B 144 -27.70 25.66 -7.94
C LEU B 144 -27.50 24.94 -6.62
N MET B 145 -28.51 24.17 -6.19
CA MET B 145 -28.39 23.42 -4.94
C MET B 145 -27.27 22.39 -5.04
N LEU B 146 -27.16 21.70 -6.17
CA LEU B 146 -26.10 20.72 -6.34
C LEU B 146 -24.73 21.37 -6.34
N PHE B 147 -24.61 22.53 -6.99
CA PHE B 147 -23.33 23.25 -6.98
C PHE B 147 -22.95 23.69 -5.57
N ASP B 148 -23.93 24.18 -4.81
CA ASP B 148 -23.65 24.58 -3.43
C ASP B 148 -23.25 23.38 -2.58
N SER B 149 -23.91 22.24 -2.78
CA SER B 149 -23.57 21.04 -2.01
C SER B 149 -22.19 20.52 -2.35
N ILE B 150 -21.81 20.56 -3.63
CA ILE B 150 -20.54 19.97 -4.05
C ILE B 150 -19.36 20.91 -3.91
N CYS B 151 -19.60 22.23 -3.81
CA CYS B 151 -18.49 23.17 -3.70
C CYS B 151 -18.04 23.38 -2.26
N ASN B 152 -18.93 23.18 -1.29
CA ASN B 152 -18.59 23.34 0.12
C ASN B 152 -18.38 22.01 0.83
N ASN B 153 -18.23 20.92 0.06
CA ASN B 153 -18.02 19.61 0.66
C ASN B 153 -16.68 19.57 1.39
N LYS B 154 -16.62 18.74 2.43
CA LYS B 154 -15.42 18.69 3.27
C LYS B 154 -14.21 18.20 2.50
N PHE B 155 -14.38 17.18 1.66
CA PHE B 155 -13.25 16.62 0.92
C PHE B 155 -12.83 17.46 -0.27
N PHE B 156 -13.70 18.36 -0.75
CA PHE B 156 -13.43 19.18 -1.92
C PHE B 156 -13.23 20.65 -1.55
N ILE B 157 -12.55 20.90 -0.43
CA ILE B 157 -12.30 22.28 0.01
C ILE B 157 -11.18 22.95 -0.76
N ASP B 158 -10.42 22.19 -1.57
CA ASP B 158 -9.31 22.75 -2.33
C ASP B 158 -9.41 22.50 -3.83
N THR B 159 -10.32 21.63 -4.27
CA THR B 159 -10.43 21.30 -5.69
C THR B 159 -11.27 22.35 -6.40
N SER B 160 -10.67 23.04 -7.37
CA SER B 160 -11.37 24.04 -8.15
C SER B 160 -12.34 23.37 -9.13
N ILE B 161 -13.37 24.12 -9.51
CA ILE B 161 -14.45 23.62 -10.36
C ILE B 161 -14.40 24.33 -11.70
N ILE B 162 -14.40 23.56 -12.79
CA ILE B 162 -14.48 24.07 -14.14
C ILE B 162 -15.94 23.99 -14.57
N LEU B 163 -16.59 25.15 -14.68
CA LEU B 163 -18.03 25.20 -14.92
C LEU B 163 -18.28 25.49 -16.40
N PHE B 164 -19.15 24.68 -17.01
CA PHE B 164 -19.53 24.82 -18.40
C PHE B 164 -21.00 25.21 -18.49
N LEU B 165 -21.34 25.99 -19.52
CA LEU B 165 -22.72 26.38 -19.80
C LEU B 165 -22.97 26.21 -21.30
N ASN B 166 -23.52 25.05 -21.68
CA ASN B 166 -23.82 24.75 -23.06
C ASN B 166 -25.22 25.26 -23.41
N LYS B 167 -25.68 24.97 -24.63
CA LYS B 167 -26.99 25.38 -25.12
C LYS B 167 -27.19 26.89 -25.03
N LYS B 168 -26.17 27.64 -25.45
CA LYS B 168 -26.27 29.11 -25.41
C LYS B 168 -27.34 29.63 -26.37
N ASP B 169 -27.40 29.08 -27.58
CA ASP B 169 -28.34 29.61 -28.58
C ASP B 169 -29.77 29.23 -28.25
N LEU B 170 -30.00 28.06 -27.67
CA LEU B 170 -31.33 27.74 -27.17
C LEU B 170 -31.78 28.75 -26.11
N PHE B 171 -30.87 29.12 -25.21
CA PHE B 171 -31.21 30.11 -24.19
C PHE B 171 -31.49 31.47 -24.82
N GLY B 172 -30.71 31.85 -25.83
CA GLY B 172 -30.99 33.10 -26.52
C GLY B 172 -32.35 33.12 -27.19
N GLU B 173 -32.71 32.00 -27.84
CA GLU B 173 -34.03 31.89 -28.46
C GLU B 173 -35.14 31.96 -27.40
N LYS B 174 -34.94 31.29 -26.27
CA LYS B 174 -35.94 31.35 -25.21
C LYS B 174 -36.08 32.77 -24.66
N ILE B 175 -34.96 33.48 -24.50
CA ILE B 175 -35.01 34.87 -24.08
C ILE B 175 -35.80 35.71 -25.07
N LYS B 176 -35.53 35.51 -26.37
CA LYS B 176 -36.31 36.18 -27.39
C LYS B 176 -37.79 35.80 -27.34
N LYS B 177 -38.11 34.64 -26.78
CA LYS B 177 -39.49 34.20 -26.62
C LYS B 177 -40.05 34.54 -25.24
N SER B 178 -39.35 34.17 -24.17
CA SER B 178 -39.83 34.38 -22.82
C SER B 178 -38.77 35.05 -21.96
N PRO B 179 -39.17 35.91 -21.02
CA PRO B 179 -38.18 36.58 -20.17
C PRO B 179 -37.48 35.62 -19.23
N LEU B 180 -36.30 36.05 -18.77
CA LEU B 180 -35.50 35.25 -17.86
C LEU B 180 -35.94 35.38 -16.40
N THR B 181 -36.94 36.22 -16.12
CA THR B 181 -37.43 36.38 -14.77
C THR B 181 -38.26 35.21 -14.27
N ILE B 182 -38.66 34.29 -15.18
CA ILE B 182 -39.44 33.14 -14.75
C ILE B 182 -38.61 32.24 -13.84
N CYS B 183 -37.36 31.99 -14.20
CA CYS B 183 -36.50 31.14 -13.37
C CYS B 183 -36.11 31.85 -12.08
N PHE B 184 -35.71 33.12 -12.18
CA PHE B 184 -35.27 33.89 -11.02
C PHE B 184 -36.29 35.00 -10.76
N PRO B 185 -37.12 34.89 -9.72
CA PRO B 185 -38.11 35.95 -9.46
C PRO B 185 -37.48 37.30 -9.17
N GLU B 186 -36.26 37.33 -8.63
CA GLU B 186 -35.62 38.56 -8.17
C GLU B 186 -34.61 39.11 -9.17
N TYR B 187 -34.84 38.93 -10.46
CA TYR B 187 -33.93 39.42 -11.50
C TYR B 187 -34.48 40.73 -12.05
N THR B 188 -33.68 41.78 -11.99
CA THR B 188 -34.09 43.11 -12.44
C THR B 188 -33.06 43.66 -13.41
N GLY B 189 -33.53 44.11 -14.56
CA GLY B 189 -32.67 44.72 -15.55
C GLY B 189 -33.15 44.49 -16.97
N PRO B 190 -32.34 44.87 -17.95
CA PRO B 190 -32.69 44.58 -19.34
C PRO B 190 -32.68 43.09 -19.63
N ASN B 191 -33.46 42.69 -20.62
CA ASN B 191 -33.69 41.29 -20.95
C ASN B 191 -32.85 40.82 -22.14
N THR B 192 -31.59 41.24 -22.20
CA THR B 192 -30.70 40.87 -23.29
C THR B 192 -30.02 39.54 -22.95
N TYR B 193 -29.56 38.85 -24.00
CA TYR B 193 -28.90 37.55 -23.82
C TYR B 193 -27.63 37.71 -22.99
N GLU B 194 -26.81 38.72 -23.28
CA GLU B 194 -25.56 38.90 -22.55
C GLU B 194 -25.81 39.22 -21.08
N ASP B 195 -26.78 40.08 -20.81
CA ASP B 195 -27.12 40.41 -19.43
C ASP B 195 -27.53 39.15 -18.67
N ALA B 196 -28.45 38.37 -19.24
CA ALA B 196 -28.89 37.15 -18.58
C ALA B 196 -27.74 36.19 -18.34
N ALA B 197 -26.87 36.02 -19.34
CA ALA B 197 -25.75 35.10 -19.19
C ALA B 197 -24.82 35.55 -18.08
N ALA B 198 -24.50 36.84 -18.03
CA ALA B 198 -23.63 37.36 -16.97
C ALA B 198 -24.28 37.21 -15.60
N TYR B 199 -25.59 37.44 -15.51
CA TYR B 199 -26.27 37.28 -14.23
C TYR B 199 -26.22 35.84 -13.75
N ILE B 200 -26.46 34.89 -14.66
CA ILE B 200 -26.40 33.48 -14.27
C ILE B 200 -24.98 33.09 -13.88
N GLN B 201 -23.97 33.60 -14.61
CA GLN B 201 -22.59 33.32 -14.26
C GLN B 201 -22.26 33.84 -12.87
N ALA B 202 -22.72 35.05 -12.54
CA ALA B 202 -22.46 35.63 -11.23
C ALA B 202 -23.15 34.83 -10.13
N GLN B 203 -24.41 34.45 -10.35
CA GLN B 203 -25.12 33.66 -9.34
C GLN B 203 -24.44 32.32 -9.10
N PHE B 204 -23.96 31.67 -10.16
CA PHE B 204 -23.25 30.41 -9.98
C PHE B 204 -21.91 30.61 -9.28
N GLU B 205 -21.18 31.67 -9.63
CA GLU B 205 -19.84 31.86 -9.12
C GLU B 205 -19.83 32.40 -7.69
N SER B 206 -20.93 32.98 -7.22
CA SER B 206 -20.96 33.53 -5.87
C SER B 206 -21.11 32.47 -4.78
N LYS B 207 -21.34 31.20 -5.13
CA LYS B 207 -21.60 30.17 -4.14
C LYS B 207 -20.35 29.73 -3.39
N ASN B 208 -19.17 29.95 -3.93
CA ASN B 208 -17.95 29.47 -3.29
C ASN B 208 -17.51 30.40 -2.16
N ARG B 209 -16.76 29.84 -1.22
CA ARG B 209 -16.25 30.60 -0.07
C ARG B 209 -14.78 30.38 0.23
N SER B 210 -14.18 29.28 -0.20
CA SER B 210 -12.80 28.97 0.16
C SER B 210 -11.83 29.81 -0.66
N PRO B 211 -10.91 30.53 -0.02
CA PRO B 211 -9.93 31.32 -0.80
C PRO B 211 -9.05 30.49 -1.71
N ASN B 212 -8.90 29.19 -1.45
CA ASN B 212 -7.91 28.37 -2.13
C ASN B 212 -8.39 27.80 -3.46
N LYS B 213 -9.63 28.09 -3.88
CA LYS B 213 -10.15 27.56 -5.13
C LYS B 213 -10.85 28.66 -5.91
N GLU B 214 -10.86 28.49 -7.25
CA GLU B 214 -11.48 29.44 -8.16
C GLU B 214 -12.40 28.70 -9.11
N ILE B 215 -13.41 29.41 -9.61
CA ILE B 215 -14.41 28.84 -10.50
C ILE B 215 -14.17 29.38 -11.90
N TYR B 216 -13.93 28.47 -12.85
CA TYR B 216 -13.71 28.84 -14.25
C TYR B 216 -15.01 28.64 -15.01
N CYS B 217 -15.50 29.72 -15.64
CA CYS B 217 -16.73 29.68 -16.41
C CYS B 217 -16.45 29.91 -17.89
N HIS B 218 -17.26 29.28 -18.74
CA HIS B 218 -17.12 29.38 -20.17
C HIS B 218 -18.50 29.25 -20.82
N MET B 219 -18.62 29.81 -22.02
CA MET B 219 -19.87 29.77 -22.77
C MET B 219 -19.72 28.85 -23.98
N THR B 220 -20.70 27.97 -24.18
CA THR B 220 -20.69 27.02 -25.27
C THR B 220 -22.11 26.81 -25.78
N CYS B 221 -22.22 26.30 -27.01
CA CYS B 221 -23.50 25.95 -27.60
C CYS B 221 -23.56 24.49 -28.02
N ALA B 222 -22.54 23.69 -27.70
CA ALA B 222 -22.42 22.27 -28.02
C ALA B 222 -22.21 22.05 -29.51
N THR B 223 -22.35 23.10 -30.30
CA THR B 223 -21.97 23.07 -31.72
C THR B 223 -20.61 23.73 -31.91
N ASP B 224 -19.61 23.23 -31.18
CA ASP B 224 -18.28 23.80 -31.20
C ASP B 224 -17.26 22.75 -30.81
N THR B 225 -16.00 23.01 -31.19
CA THR B 225 -14.88 22.14 -30.85
C THR B 225 -13.93 22.80 -29.87
N ASN B 226 -14.39 23.81 -29.13
CA ASN B 226 -13.57 24.54 -28.19
C ASN B 226 -13.72 24.04 -26.75
N ASN B 227 -14.40 22.91 -26.56
CA ASN B 227 -14.61 22.37 -25.21
C ASN B 227 -13.41 21.58 -24.71
N ALA B 228 -12.32 21.49 -25.49
CA ALA B 228 -11.12 20.80 -25.06
C ALA B 228 -9.98 21.73 -24.68
N GLN B 229 -9.88 22.90 -25.31
CA GLN B 229 -8.82 23.84 -24.97
C GLN B 229 -9.08 24.49 -23.61
N VAL B 230 -10.34 24.77 -23.30
CA VAL B 230 -10.68 25.39 -22.01
C VAL B 230 -10.29 24.47 -20.87
N ILE B 231 -10.64 23.19 -20.97
CA ILE B 231 -10.26 22.22 -19.95
C ILE B 231 -8.74 22.14 -19.84
N PHE B 232 -8.05 22.18 -20.98
CA PHE B 232 -6.59 22.07 -20.97
C PHE B 232 -5.96 23.24 -20.21
N ASP B 233 -6.38 24.46 -20.52
CA ASP B 233 -5.74 25.62 -19.87
C ASP B 233 -6.12 25.69 -18.39
N ALA B 234 -7.36 25.36 -18.06
CA ALA B 234 -7.75 25.32 -16.65
C ALA B 234 -6.94 24.28 -15.88
N VAL B 235 -6.73 23.11 -16.49
CA VAL B 235 -5.95 22.06 -15.82
C VAL B 235 -4.50 22.51 -15.65
N THR B 236 -3.93 23.19 -16.64
CA THR B 236 -2.57 23.69 -16.49
C THR B 236 -2.48 24.70 -15.35
N ASP B 237 -3.46 25.60 -15.25
CA ASP B 237 -3.45 26.56 -14.14
C ASP B 237 -3.57 25.87 -12.79
N ILE B 238 -4.44 24.86 -12.70
CA ILE B 238 -4.58 24.13 -11.45
C ILE B 238 -3.30 23.40 -11.10
N ILE B 239 -2.61 22.87 -12.10
CA ILE B 239 -1.34 22.18 -11.87
C ILE B 239 -0.31 23.16 -11.32
N ILE B 240 -0.24 24.36 -11.90
CA ILE B 240 0.72 25.35 -11.41
C ILE B 240 0.39 25.74 -9.97
N ALA B 241 -0.90 25.93 -9.66
CA ALA B 241 -1.28 26.29 -8.30
C ALA B 241 -0.94 25.18 -7.31
N ASN B 242 -1.22 23.93 -7.68
CA ASN B 242 -0.93 22.81 -6.78
C ASN B 242 0.57 22.65 -6.56
N ASN B 243 1.37 22.82 -7.62
CA ASN B 243 2.82 22.73 -7.46
C ASN B 243 3.35 23.85 -6.56
N LEU B 244 2.84 25.07 -6.75
CA LEU B 244 3.27 26.17 -5.90
C LEU B 244 2.88 25.94 -4.44
N ARG B 245 1.68 25.41 -4.21
CA ARG B 245 1.27 25.10 -2.84
C ARG B 245 2.15 24.01 -2.24
N GLY B 246 2.49 22.99 -3.04
CA GLY B 246 3.30 21.90 -2.52
C GLY B 246 4.70 22.34 -2.18
N CYS B 247 5.30 23.21 -3.00
CA CYS B 247 6.64 23.70 -2.70
C CYS B 247 6.69 24.59 -1.47
N GLY B 248 5.55 25.03 -0.96
CA GLY B 248 5.51 25.89 0.20
C GLY B 248 5.75 27.36 -0.08
N LEU B 249 6.01 27.73 -1.33
CA LEU B 249 6.25 29.12 -1.69
C LEU B 249 4.97 29.91 -1.92
N TYR B 250 3.84 29.24 -2.10
CA TYR B 250 2.58 29.91 -2.40
C TYR B 250 1.86 30.30 -1.12
N GLU C 13 -58.24 1.14 2.82
CA GLU C 13 -57.72 0.14 3.73
C GLU C 13 -56.30 0.48 4.19
N LEU C 14 -55.76 1.57 3.62
CA LEU C 14 -54.41 2.00 3.99
C LEU C 14 -54.35 2.43 5.44
N ASP C 15 -55.37 3.14 5.93
CA ASP C 15 -55.38 3.59 7.31
C ASP C 15 -55.41 2.42 8.28
N GLN C 16 -56.21 1.39 7.98
CA GLN C 16 -56.26 0.21 8.85
C GLN C 16 -54.91 -0.50 8.89
N LEU C 17 -54.24 -0.63 7.75
CA LEU C 17 -52.93 -1.26 7.71
C LEU C 17 -51.91 -0.43 8.48
N ARG C 18 -51.97 0.91 8.36
CA ARG C 18 -51.06 1.77 9.11
C ARG C 18 -51.29 1.63 10.61
N GLN C 19 -52.56 1.56 11.04
CA GLN C 19 -52.85 1.39 12.45
C GLN C 19 -52.36 0.03 12.95
N GLU C 20 -52.53 -1.01 12.14
CA GLU C 20 -52.03 -2.34 12.51
C GLU C 20 -50.51 -2.34 12.65
N ALA C 21 -49.82 -1.67 11.72
CA ALA C 21 -48.36 -1.58 11.82
C ALA C 21 -47.93 -0.81 13.06
N GLU C 22 -48.63 0.29 13.36
CA GLU C 22 -48.29 1.07 14.55
C GLU C 22 -48.49 0.27 15.83
N GLN C 23 -49.60 -0.45 15.92
CA GLN C 23 -49.85 -1.23 17.13
C GLN C 23 -48.89 -2.41 17.23
N LEU C 24 -48.49 -3.00 16.09
CA LEU C 24 -47.48 -4.05 16.13
C LEU C 24 -46.14 -3.51 16.61
N LYS C 25 -45.76 -2.32 16.16
CA LYS C 25 -44.52 -1.71 16.63
C LYS C 25 -44.59 -1.40 18.13
N ASN C 26 -45.74 -0.92 18.59
CA ASN C 26 -45.91 -0.67 20.02
C ASN C 26 -45.81 -1.96 20.83
N GLN C 27 -46.41 -3.04 20.33
CA GLN C 27 -46.32 -4.33 21.02
C GLN C 27 -44.87 -4.82 21.06
N ILE C 28 -44.15 -4.66 19.96
CA ILE C 28 -42.74 -5.08 19.92
C ILE C 28 -41.93 -4.28 20.94
N ARG C 29 -42.14 -2.96 20.99
CA ARG C 29 -41.42 -2.14 21.94
C ARG C 29 -41.75 -2.53 23.38
N ASP C 30 -43.03 -2.78 23.66
CA ASP C 30 -43.42 -3.17 25.01
C ASP C 30 -42.80 -4.51 25.40
N ALA C 31 -42.79 -5.47 24.48
CA ALA C 31 -42.19 -6.77 24.77
C ALA C 31 -40.69 -6.65 25.00
N ARG C 32 -40.01 -5.82 24.19
CA ARG C 32 -38.58 -5.61 24.39
C ARG C 32 -38.30 -4.96 25.74
N LYS C 33 -39.13 -3.98 26.13
CA LYS C 33 -38.95 -3.33 27.41
C LYS C 33 -39.20 -4.26 28.58
N ALA C 34 -40.19 -5.15 28.45
CA ALA C 34 -40.57 -6.02 29.57
C ALA C 34 -39.47 -7.00 29.93
N CYS C 35 -38.69 -7.45 28.95
CA CYS C 35 -37.64 -8.43 29.21
C CYS C 35 -36.44 -7.85 29.95
N ALA C 36 -36.38 -6.52 30.10
CA ALA C 36 -35.22 -5.87 30.74
C ALA C 36 -35.45 -5.78 32.24
N ASP C 37 -34.65 -6.52 33.00
CA ASP C 37 -34.70 -6.46 34.46
C ASP C 37 -33.42 -5.92 35.08
N ALA C 38 -32.27 -6.12 34.45
CA ALA C 38 -31.01 -5.61 34.95
C ALA C 38 -30.04 -5.49 33.79
N THR C 39 -29.27 -4.40 33.78
CA THR C 39 -28.34 -4.16 32.68
C THR C 39 -27.08 -5.00 32.84
N LEU C 40 -26.29 -5.03 31.76
CA LEU C 40 -25.03 -5.77 31.78
C LEU C 40 -24.04 -5.17 32.78
N SER C 41 -24.01 -3.85 32.88
CA SER C 41 -23.07 -3.19 33.79
C SER C 41 -23.35 -3.55 35.24
N GLN C 42 -24.64 -3.75 35.58
CA GLN C 42 -25.01 -4.07 36.95
C GLN C 42 -24.51 -5.45 37.40
N ILE C 43 -24.30 -6.37 36.46
CA ILE C 43 -23.89 -7.71 36.82
C ILE C 43 -22.37 -7.88 36.79
N THR C 44 -21.68 -7.18 35.89
CA THR C 44 -20.23 -7.28 35.77
C THR C 44 -19.51 -6.20 36.58
N ASN C 45 -20.09 -5.80 37.70
CA ASN C 45 -19.49 -4.76 38.55
C ASN C 45 -18.55 -5.34 39.61
N ASN C 46 -18.62 -6.65 39.86
CA ASN C 46 -17.80 -7.27 40.89
C ASN C 46 -16.61 -8.03 40.32
N ILE C 47 -16.34 -7.91 39.03
CA ILE C 47 -15.21 -8.57 38.39
C ILE C 47 -14.05 -7.59 38.28
N ASP C 48 -12.83 -8.14 38.28
CA ASP C 48 -11.65 -7.29 38.22
C ASP C 48 -11.46 -6.76 36.79
N PRO C 49 -11.05 -5.50 36.64
CA PRO C 49 -10.75 -4.96 35.31
C PRO C 49 -9.51 -5.60 34.72
N VAL C 50 -9.45 -5.61 33.38
CA VAL C 50 -8.33 -6.20 32.67
C VAL C 50 -7.05 -5.38 32.78
N GLY C 51 -7.15 -4.13 33.25
CA GLY C 51 -5.97 -3.30 33.38
C GLY C 51 -5.52 -2.72 32.05
N ARG C 52 -4.36 -2.06 32.09
CA ARG C 52 -3.81 -1.44 30.89
C ARG C 52 -3.31 -2.50 29.92
N ILE C 53 -3.67 -2.36 28.65
CA ILE C 53 -3.29 -3.29 27.59
C ILE C 53 -2.28 -2.57 26.71
N GLN C 54 -1.01 -2.93 26.84
CA GLN C 54 0.05 -2.34 26.03
C GLN C 54 0.30 -3.22 24.80
N MET C 55 0.06 -2.66 23.62
CA MET C 55 0.25 -3.37 22.36
C MET C 55 1.28 -2.62 21.53
N ARG C 56 2.25 -3.35 21.00
CA ARG C 56 3.35 -2.78 20.24
C ARG C 56 3.36 -3.33 18.82
N THR C 57 3.82 -2.50 17.88
CA THR C 57 3.92 -2.90 16.49
C THR C 57 5.04 -3.90 16.32
N ARG C 58 4.72 -5.13 15.94
CA ARG C 58 5.73 -6.15 15.68
C ARG C 58 6.16 -6.19 14.23
N ARG C 59 5.22 -6.06 13.29
CA ARG C 59 5.51 -6.08 11.87
C ARG C 59 4.81 -4.91 11.19
N THR C 60 5.39 -4.46 10.09
CA THR C 60 4.81 -3.43 9.24
C THR C 60 4.91 -3.86 7.80
N LEU C 61 3.79 -3.80 7.08
CA LEU C 61 3.71 -4.21 5.68
C LEU C 61 3.47 -2.97 4.83
N ARG C 62 4.49 -2.56 4.08
CA ARG C 62 4.44 -1.38 3.23
C ARG C 62 4.52 -1.82 1.77
N GLY C 63 3.36 -2.11 1.19
CA GLY C 63 3.30 -2.49 -0.21
C GLY C 63 2.35 -1.66 -1.06
N HIS C 64 1.33 -1.08 -0.44
CA HIS C 64 0.31 -0.35 -1.18
C HIS C 64 0.70 1.12 -1.35
N LEU C 65 0.14 1.74 -2.38
CA LEU C 65 0.39 3.13 -2.68
C LEU C 65 -0.85 4.02 -2.62
N ALA C 66 -2.03 3.45 -2.36
CA ALA C 66 -3.27 4.21 -2.27
C ALA C 66 -3.94 3.88 -0.94
N LYS C 67 -5.11 4.46 -0.73
CA LYS C 67 -5.85 4.27 0.51
C LYS C 67 -6.37 2.84 0.58
N ILE C 68 -6.03 2.13 1.67
CA ILE C 68 -6.48 0.76 1.87
C ILE C 68 -7.92 0.78 2.38
N TYR C 69 -8.78 0.01 1.73
CA TYR C 69 -10.20 0.02 2.05
C TYR C 69 -10.70 -1.23 2.74
N ALA C 70 -10.05 -2.38 2.56
CA ALA C 70 -10.51 -3.60 3.20
C ALA C 70 -9.36 -4.59 3.32
N MET C 71 -9.52 -5.53 4.25
CA MET C 71 -8.53 -6.58 4.47
C MET C 71 -9.22 -7.76 5.14
N HIS C 72 -8.62 -8.94 5.01
CA HIS C 72 -9.17 -10.15 5.62
C HIS C 72 -8.04 -11.07 6.06
N TRP C 73 -8.31 -11.88 7.08
CA TRP C 73 -7.34 -12.82 7.61
C TRP C 73 -7.53 -14.20 7.00
N GLY C 74 -6.44 -14.96 6.92
CA GLY C 74 -6.51 -16.32 6.46
C GLY C 74 -7.01 -17.27 7.53
N THR C 75 -7.53 -18.42 7.07
CA THR C 75 -8.05 -19.42 8.00
C THR C 75 -6.97 -20.11 8.80
N ASP C 76 -5.71 -19.99 8.38
CA ASP C 76 -4.59 -20.58 9.11
C ASP C 76 -3.87 -19.56 9.99
N SER C 77 -4.43 -18.36 10.13
CA SER C 77 -3.85 -17.28 10.94
C SER C 77 -2.45 -16.88 10.48
N ARG C 78 -2.14 -17.06 9.19
CA ARG C 78 -0.86 -16.67 8.65
C ARG C 78 -0.96 -15.82 7.38
N LEU C 79 -1.89 -16.12 6.48
CA LEU C 79 -2.02 -15.37 5.24
C LEU C 79 -3.01 -14.22 5.42
N LEU C 80 -2.83 -13.17 4.63
CA LEU C 80 -3.69 -12.00 4.70
C LEU C 80 -3.77 -11.34 3.34
N VAL C 81 -4.98 -10.92 2.97
CA VAL C 81 -5.24 -10.26 1.69
C VAL C 81 -5.66 -8.82 1.96
N SER C 82 -5.12 -7.90 1.17
CA SER C 82 -5.40 -6.47 1.33
C SER C 82 -5.75 -5.87 -0.03
N ALA C 83 -6.77 -5.03 -0.05
CA ALA C 83 -7.23 -4.38 -1.28
C ALA C 83 -7.16 -2.87 -1.12
N SER C 84 -6.63 -2.19 -2.12
CA SER C 84 -6.48 -0.74 -2.10
C SER C 84 -6.94 -0.16 -3.43
N GLN C 85 -7.11 1.16 -3.45
CA GLN C 85 -7.58 1.88 -4.64
C GLN C 85 -6.57 1.88 -5.78
N ASP C 86 -5.36 1.37 -5.56
CA ASP C 86 -4.37 1.30 -6.63
C ASP C 86 -4.72 0.27 -7.70
N GLY C 87 -5.74 -0.56 -7.46
CA GLY C 87 -6.11 -1.58 -8.41
C GLY C 87 -5.40 -2.90 -8.23
N LYS C 88 -4.93 -3.20 -7.03
CA LYS C 88 -4.21 -4.44 -6.78
C LYS C 88 -4.73 -5.06 -5.48
N LEU C 89 -4.55 -6.38 -5.37
CA LEU C 89 -4.95 -7.14 -4.19
C LEU C 89 -3.81 -8.10 -3.86
N ILE C 90 -2.96 -7.71 -2.92
CA ILE C 90 -1.78 -8.47 -2.57
C ILE C 90 -2.10 -9.45 -1.45
N ILE C 91 -1.43 -10.60 -1.47
CA ILE C 91 -1.53 -11.60 -0.42
C ILE C 91 -0.27 -11.52 0.43
N TRP C 92 -0.43 -11.35 1.75
CA TRP C 92 0.67 -11.09 2.65
C TRP C 92 0.99 -12.31 3.50
N ASP C 93 2.26 -12.43 3.87
CA ASP C 93 2.73 -13.42 4.83
C ASP C 93 2.99 -12.69 6.15
N SER C 94 2.21 -13.02 7.18
CA SER C 94 2.30 -12.28 8.43
C SER C 94 3.60 -12.56 9.17
N TYR C 95 4.08 -13.81 9.10
CA TYR C 95 5.23 -14.20 9.92
C TYR C 95 6.55 -13.65 9.37
N THR C 96 6.67 -13.53 8.04
CA THR C 96 7.94 -13.19 7.42
C THR C 96 7.85 -11.87 6.64
N THR C 97 6.65 -11.29 6.53
CA THR C 97 6.42 -10.06 5.76
C THR C 97 6.86 -10.21 4.31
N ASN C 98 6.62 -11.38 3.75
CA ASN C 98 6.79 -11.60 2.31
C ASN C 98 5.46 -11.43 1.59
N LYS C 99 5.57 -11.23 0.28
CA LYS C 99 4.41 -11.11 -0.60
C LYS C 99 4.34 -12.34 -1.49
N VAL C 100 3.18 -12.99 -1.52
CA VAL C 100 3.02 -14.25 -2.23
C VAL C 100 2.38 -14.02 -3.59
N HIS C 101 1.45 -13.08 -3.67
CA HIS C 101 0.69 -12.85 -4.90
C HIS C 101 0.34 -11.37 -5.02
N ALA C 102 0.25 -10.91 -6.27
CA ALA C 102 -0.17 -9.54 -6.59
C ALA C 102 -1.16 -9.62 -7.74
N ILE C 103 -2.45 -9.52 -7.41
CA ILE C 103 -3.53 -9.71 -8.38
C ILE C 103 -3.97 -8.33 -8.88
N PRO C 104 -3.82 -8.04 -10.18
CA PRO C 104 -4.33 -6.77 -10.71
C PRO C 104 -5.83 -6.85 -10.95
N LEU C 105 -6.54 -5.80 -10.52
CA LEU C 105 -7.99 -5.75 -10.67
C LEU C 105 -8.38 -5.07 -11.98
N ARG C 106 -9.57 -5.43 -12.47
CA ARG C 106 -10.08 -4.80 -13.69
C ARG C 106 -10.52 -3.37 -13.42
N SER C 107 -11.24 -3.15 -12.32
CA SER C 107 -11.69 -1.82 -11.93
C SER C 107 -11.01 -1.42 -10.63
N SER C 108 -10.43 -0.21 -10.61
CA SER C 108 -9.68 0.24 -9.45
C SER C 108 -10.57 0.77 -8.34
N TRP C 109 -11.89 0.86 -8.55
CA TRP C 109 -12.80 1.35 -7.52
C TRP C 109 -13.28 0.17 -6.68
N VAL C 110 -12.42 -0.26 -5.76
CA VAL C 110 -12.65 -1.43 -4.93
C VAL C 110 -12.94 -0.98 -3.50
N MET C 111 -13.94 -1.61 -2.88
CA MET C 111 -14.31 -1.28 -1.51
C MET C 111 -14.46 -2.48 -0.60
N THR C 112 -14.14 -3.69 -1.05
CA THR C 112 -14.28 -4.88 -0.22
C THR C 112 -13.38 -5.98 -0.75
N CYS C 113 -13.11 -6.96 0.11
CA CYS C 113 -12.34 -8.14 -0.27
C CYS C 113 -12.63 -9.25 0.73
N ALA C 114 -12.59 -10.49 0.24
CA ALA C 114 -12.83 -11.66 1.07
C ALA C 114 -11.83 -12.74 0.71
N TYR C 115 -11.54 -13.59 1.69
CA TYR C 115 -10.60 -14.70 1.51
C TYR C 115 -11.31 -16.00 1.85
N ALA C 116 -11.24 -16.97 0.95
CA ALA C 116 -12.01 -18.20 1.11
C ALA C 116 -11.50 -18.99 2.32
N PRO C 117 -12.39 -19.66 3.05
CA PRO C 117 -11.93 -20.46 4.20
C PRO C 117 -10.96 -21.56 3.81
N SER C 118 -11.13 -22.17 2.63
CA SER C 118 -10.23 -23.22 2.20
C SER C 118 -8.94 -22.67 1.60
N GLY C 119 -8.90 -21.39 1.25
CA GLY C 119 -7.70 -20.78 0.72
C GLY C 119 -7.56 -20.85 -0.79
N ASN C 120 -8.61 -21.23 -1.51
CA ASN C 120 -8.53 -21.37 -2.96
C ASN C 120 -8.97 -20.13 -3.73
N TYR C 121 -9.87 -19.33 -3.16
CA TYR C 121 -10.49 -18.24 -3.90
C TYR C 121 -10.39 -16.93 -3.12
N VAL C 122 -10.41 -15.83 -3.86
CA VAL C 122 -10.39 -14.49 -3.30
C VAL C 122 -11.42 -13.65 -4.04
N ALA C 123 -12.33 -13.03 -3.30
CA ALA C 123 -13.39 -12.21 -3.90
C ALA C 123 -12.97 -10.74 -3.94
N CYS C 124 -13.75 -9.95 -4.67
CA CYS C 124 -13.47 -8.52 -4.85
C CYS C 124 -14.69 -7.85 -5.46
N GLY C 125 -15.00 -6.64 -4.99
CA GLY C 125 -16.12 -5.88 -5.50
C GLY C 125 -15.92 -4.39 -5.26
N GLY C 126 -16.87 -3.60 -5.73
CA GLY C 126 -16.80 -2.16 -5.56
C GLY C 126 -17.84 -1.37 -6.33
N LEU C 127 -17.42 -0.24 -6.92
CA LEU C 127 -18.32 0.61 -7.69
C LEU C 127 -18.69 0.03 -9.04
N ASP C 128 -18.04 -1.06 -9.47
CA ASP C 128 -18.31 -1.65 -10.77
C ASP C 128 -19.53 -2.55 -10.78
N ASN C 129 -20.20 -2.73 -9.64
CA ASN C 129 -21.44 -3.49 -9.49
C ASN C 129 -21.27 -4.98 -9.75
N ILE C 130 -20.03 -5.46 -9.86
CA ILE C 130 -19.77 -6.86 -10.22
C ILE C 130 -18.83 -7.45 -9.19
N CYS C 131 -19.16 -8.65 -8.70
CA CYS C 131 -18.30 -9.38 -7.77
C CYS C 131 -17.43 -10.35 -8.56
N SER C 132 -16.11 -10.21 -8.41
CA SER C 132 -15.14 -10.98 -9.17
C SER C 132 -14.48 -12.01 -8.27
N ILE C 133 -14.48 -13.27 -8.70
CA ILE C 133 -13.88 -14.38 -7.97
C ILE C 133 -12.62 -14.81 -8.70
N TYR C 134 -11.53 -14.98 -7.95
CA TYR C 134 -10.23 -15.33 -8.51
C TYR C 134 -9.82 -16.71 -8.00
N ASN C 135 -9.06 -17.42 -8.83
CA ASN C 135 -8.61 -18.78 -8.55
C ASN C 135 -7.13 -18.77 -8.23
N LEU C 136 -6.77 -19.20 -7.01
CA LEU C 136 -5.38 -19.18 -6.59
C LEU C 136 -4.64 -20.45 -6.98
N LYS C 137 -5.22 -21.61 -6.67
CA LYS C 137 -4.57 -22.90 -6.93
C LYS C 137 -4.86 -23.35 -8.37
N THR C 138 -4.31 -22.59 -9.31
CA THR C 138 -4.41 -22.94 -10.72
C THR C 138 -3.22 -23.78 -11.15
N ARG C 139 -3.47 -24.69 -12.10
CA ARG C 139 -2.41 -25.60 -12.53
C ARG C 139 -1.38 -24.89 -13.40
N GLU C 140 -1.77 -23.80 -14.07
CA GLU C 140 -0.86 -23.07 -14.93
C GLU C 140 0.05 -22.12 -14.18
N GLY C 141 -0.16 -21.93 -12.86
CA GLY C 141 0.70 -21.13 -12.03
C GLY C 141 0.17 -19.75 -11.73
N ASN C 142 -0.57 -19.14 -12.66
CA ASN C 142 -1.07 -17.79 -12.49
C ASN C 142 -2.49 -17.80 -11.92
N VAL C 143 -3.01 -16.62 -11.62
CA VAL C 143 -4.35 -16.46 -11.06
C VAL C 143 -5.28 -15.99 -12.18
N ARG C 144 -6.40 -16.69 -12.34
CA ARG C 144 -7.36 -16.41 -13.40
C ARG C 144 -8.72 -16.10 -12.79
N VAL C 145 -9.47 -15.22 -13.46
CA VAL C 145 -10.79 -14.82 -13.00
C VAL C 145 -11.75 -15.96 -13.28
N SER C 146 -12.23 -16.62 -12.21
CA SER C 146 -13.10 -17.77 -12.37
C SER C 146 -14.52 -17.38 -12.72
N ARG C 147 -15.02 -16.26 -12.21
CA ARG C 147 -16.40 -15.88 -12.42
C ARG C 147 -16.55 -14.38 -12.22
N GLU C 148 -17.65 -13.83 -12.73
CA GLU C 148 -17.98 -12.41 -12.58
C GLU C 148 -19.48 -12.32 -12.32
N LEU C 149 -19.85 -12.20 -11.04
CA LEU C 149 -21.25 -12.13 -10.64
C LEU C 149 -21.75 -10.71 -10.87
N ALA C 150 -22.70 -10.55 -11.79
CA ALA C 150 -23.24 -9.24 -12.15
C ALA C 150 -24.77 -9.30 -12.10
N GLY C 151 -25.34 -8.86 -10.98
CA GLY C 151 -26.79 -8.77 -10.87
C GLY C 151 -27.27 -7.58 -10.07
N HIS C 152 -26.35 -6.75 -9.60
CA HIS C 152 -26.67 -5.61 -8.75
C HIS C 152 -26.67 -4.32 -9.56
N THR C 153 -27.60 -3.42 -9.20
CA THR C 153 -27.69 -2.10 -9.81
C THR C 153 -26.98 -1.03 -8.98
N GLY C 154 -26.31 -1.41 -7.89
CA GLY C 154 -25.62 -0.45 -7.06
C GLY C 154 -24.30 -1.01 -6.57
N TYR C 155 -23.50 -0.13 -5.97
CA TYR C 155 -22.16 -0.52 -5.53
C TYR C 155 -22.23 -1.62 -4.48
N LEU C 156 -21.32 -2.58 -4.59
CA LEU C 156 -21.24 -3.67 -3.63
C LEU C 156 -20.35 -3.25 -2.47
N SER C 157 -20.88 -3.37 -1.24
CA SER C 157 -20.17 -2.90 -0.06
C SER C 157 -19.47 -4.01 0.72
N CYS C 158 -19.96 -5.24 0.64
CA CYS C 158 -19.36 -6.33 1.40
C CYS C 158 -19.64 -7.66 0.71
N CYS C 159 -18.77 -8.63 0.96
CA CYS C 159 -18.94 -9.98 0.45
C CYS C 159 -18.16 -10.94 1.33
N ARG C 160 -18.79 -12.04 1.72
CA ARG C 160 -18.17 -13.04 2.59
C ARG C 160 -18.40 -14.43 2.01
N PHE C 161 -17.33 -15.23 1.99
CA PHE C 161 -17.39 -16.59 1.48
C PHE C 161 -18.06 -17.50 2.49
N LEU C 162 -19.22 -18.05 2.13
CA LEU C 162 -19.86 -19.05 2.96
C LEU C 162 -19.14 -20.39 2.87
N ASP C 163 -18.75 -20.79 1.67
CA ASP C 163 -17.91 -21.95 1.43
C ASP C 163 -17.26 -21.77 0.06
N ASP C 164 -16.67 -22.84 -0.47
CA ASP C 164 -16.01 -22.75 -1.78
C ASP C 164 -17.00 -22.61 -2.93
N ASN C 165 -18.29 -22.80 -2.71
CA ASN C 165 -19.26 -22.82 -3.80
C ASN C 165 -20.22 -21.64 -3.82
N GLN C 166 -20.70 -21.17 -2.66
CA GLN C 166 -21.67 -20.09 -2.63
C GLN C 166 -21.18 -18.96 -1.73
N ILE C 167 -21.49 -17.74 -2.15
CA ILE C 167 -21.02 -16.52 -1.48
C ILE C 167 -22.19 -15.55 -1.35
N VAL C 168 -22.26 -14.86 -0.21
CA VAL C 168 -23.29 -13.87 0.05
C VAL C 168 -22.67 -12.47 -0.06
N THR C 169 -23.38 -11.57 -0.74
CA THR C 169 -22.89 -10.23 -1.00
C THR C 169 -23.91 -9.19 -0.57
N SER C 170 -23.43 -8.08 -0.05
CA SER C 170 -24.26 -6.95 0.35
C SER C 170 -24.02 -5.79 -0.61
N SER C 171 -25.09 -5.18 -1.10
CA SER C 171 -25.01 -4.16 -2.13
C SER C 171 -25.63 -2.85 -1.66
N GLY C 172 -25.24 -1.78 -2.32
CA GLY C 172 -25.71 -0.44 -2.00
C GLY C 172 -27.06 -0.06 -2.57
N ASP C 173 -27.71 -0.96 -3.30
CA ASP C 173 -29.04 -0.71 -3.82
C ASP C 173 -30.15 -1.22 -2.89
N THR C 174 -29.90 -1.22 -1.58
CA THR C 174 -30.85 -1.64 -0.56
C THR C 174 -31.22 -3.12 -0.69
N THR C 175 -30.33 -3.93 -1.23
CA THR C 175 -30.59 -5.36 -1.41
C THR C 175 -29.36 -6.17 -1.03
N CYS C 176 -29.60 -7.36 -0.50
CA CYS C 176 -28.58 -8.36 -0.26
C CYS C 176 -28.98 -9.65 -0.97
N ALA C 177 -28.03 -10.28 -1.64
CA ALA C 177 -28.33 -11.45 -2.48
C ALA C 177 -27.32 -12.55 -2.23
N LEU C 178 -27.81 -13.78 -2.13
CA LEU C 178 -26.97 -14.97 -2.06
C LEU C 178 -26.72 -15.50 -3.47
N TRP C 179 -25.47 -15.76 -3.79
CA TRP C 179 -25.08 -16.15 -5.14
C TRP C 179 -24.69 -17.62 -5.19
N ASP C 180 -24.35 -18.07 -6.40
CA ASP C 180 -23.92 -19.44 -6.65
C ASP C 180 -22.75 -19.36 -7.65
N ILE C 181 -21.53 -19.49 -7.14
CA ILE C 181 -20.34 -19.29 -7.98
C ILE C 181 -20.25 -20.34 -9.08
N GLU C 182 -20.95 -21.46 -8.95
CA GLU C 182 -20.89 -22.50 -9.97
C GLU C 182 -21.54 -22.04 -11.27
N THR C 183 -22.75 -21.48 -11.19
CA THR C 183 -23.47 -21.02 -12.36
C THR C 183 -23.64 -19.50 -12.44
N GLY C 184 -23.34 -18.78 -11.36
CA GLY C 184 -23.41 -17.32 -11.40
C GLY C 184 -24.82 -16.76 -11.41
N GLN C 185 -25.75 -17.38 -10.69
CA GLN C 185 -27.13 -16.92 -10.63
C GLN C 185 -27.54 -16.67 -9.18
N GLN C 186 -28.41 -15.69 -8.99
CA GLN C 186 -28.88 -15.30 -7.67
C GLN C 186 -29.85 -16.35 -7.17
N THR C 187 -29.36 -17.26 -6.31
CA THR C 187 -30.23 -18.28 -5.75
C THR C 187 -31.31 -17.67 -4.86
N THR C 188 -30.95 -16.71 -4.02
CA THR C 188 -31.89 -16.06 -3.12
C THR C 188 -31.50 -14.60 -2.97
N THR C 189 -32.50 -13.75 -2.78
CA THR C 189 -32.28 -12.32 -2.58
C THR C 189 -33.01 -11.87 -1.30
N PHE C 190 -32.36 -10.97 -0.56
CA PHE C 190 -32.90 -10.43 0.68
C PHE C 190 -33.21 -8.96 0.47
N THR C 191 -34.47 -8.57 0.73
CA THR C 191 -34.92 -7.20 0.57
C THR C 191 -35.60 -6.74 1.84
N GLY C 192 -35.67 -5.42 2.02
CA GLY C 192 -36.34 -4.84 3.17
C GLY C 192 -35.69 -3.59 3.72
N HIS C 193 -34.40 -3.40 3.42
CA HIS C 193 -33.70 -2.21 3.88
C HIS C 193 -34.17 -0.98 3.13
N THR C 194 -34.24 0.15 3.84
CA THR C 194 -34.61 1.43 3.25
C THR C 194 -33.41 2.17 2.66
N GLY C 195 -32.19 1.87 3.13
CA GLY C 195 -31.01 2.56 2.68
C GLY C 195 -29.88 1.59 2.39
N ASP C 196 -28.74 2.16 2.00
CA ASP C 196 -27.59 1.35 1.59
C ASP C 196 -27.14 0.44 2.73
N VAL C 197 -26.82 -0.80 2.38
CA VAL C 197 -26.31 -1.79 3.32
C VAL C 197 -24.80 -1.81 3.18
N MET C 198 -24.09 -1.31 4.20
CA MET C 198 -22.66 -1.12 4.13
C MET C 198 -21.87 -2.11 4.99
N SER C 199 -22.52 -3.12 5.58
CA SER C 199 -21.83 -4.07 6.42
C SER C 199 -22.54 -5.41 6.39
N LEU C 200 -21.78 -6.46 6.73
CA LEU C 200 -22.30 -7.83 6.72
C LEU C 200 -21.33 -8.71 7.49
N SER C 201 -21.89 -9.67 8.23
CA SER C 201 -21.07 -10.60 9.01
C SER C 201 -21.78 -11.93 9.08
N LEU C 202 -21.02 -13.02 8.96
CA LEU C 202 -21.55 -14.37 8.95
C LEU C 202 -21.37 -15.04 10.30
N ALA C 203 -22.30 -15.92 10.63
CA ALA C 203 -22.25 -16.64 11.89
C ALA C 203 -21.11 -17.66 11.88
N PRO C 204 -20.66 -18.09 13.06
CA PRO C 204 -19.61 -19.13 13.11
C PRO C 204 -20.01 -20.41 12.38
N ASP C 205 -21.28 -20.79 12.46
CA ASP C 205 -21.79 -21.97 11.79
C ASP C 205 -22.23 -21.70 10.35
N THR C 206 -22.11 -20.45 9.88
CA THR C 206 -22.52 -20.05 8.54
C THR C 206 -23.98 -20.40 8.27
N ARG C 207 -24.82 -20.34 9.30
CA ARG C 207 -26.24 -20.62 9.17
C ARG C 207 -27.12 -19.37 9.07
N LEU C 208 -26.60 -18.21 9.46
CA LEU C 208 -27.37 -16.97 9.43
C LEU C 208 -26.41 -15.79 9.45
N PHE C 209 -26.90 -14.64 9.01
CA PHE C 209 -26.07 -13.44 8.93
C PHE C 209 -26.93 -12.21 9.19
N VAL C 210 -26.26 -11.10 9.53
CA VAL C 210 -26.92 -9.83 9.79
C VAL C 210 -26.36 -8.80 8.83
N SER C 211 -27.15 -7.75 8.60
CA SER C 211 -26.76 -6.66 7.72
C SER C 211 -26.95 -5.33 8.42
N GLY C 212 -26.02 -4.40 8.21
CA GLY C 212 -26.13 -3.09 8.79
C GLY C 212 -26.34 -2.01 7.75
N ALA C 213 -27.53 -1.42 7.73
CA ALA C 213 -27.92 -0.49 6.69
C ALA C 213 -27.60 0.95 7.10
N CYS C 214 -27.75 1.86 6.14
CA CYS C 214 -27.49 3.28 6.35
C CYS C 214 -28.66 4.00 7.01
N ASP C 215 -29.79 3.31 7.23
CA ASP C 215 -30.95 3.91 7.89
C ASP C 215 -30.95 3.65 9.39
N ALA C 216 -29.77 3.46 9.99
CA ALA C 216 -29.62 3.32 11.44
C ALA C 216 -30.39 2.12 11.97
N SER C 217 -30.36 1.01 11.23
CA SER C 217 -31.04 -0.21 11.65
C SER C 217 -30.20 -1.42 11.27
N ALA C 218 -30.43 -2.52 11.98
CA ALA C 218 -29.75 -3.79 11.73
C ALA C 218 -30.79 -4.89 11.69
N LYS C 219 -30.73 -5.73 10.66
CA LYS C 219 -31.68 -6.82 10.47
C LYS C 219 -30.97 -8.16 10.55
N LEU C 220 -31.71 -9.18 10.96
CA LEU C 220 -31.20 -10.54 11.15
C LEU C 220 -31.81 -11.45 10.09
N TRP C 221 -31.00 -11.90 9.14
CA TRP C 221 -31.44 -12.82 8.10
C TRP C 221 -30.96 -14.23 8.41
N ASP C 222 -31.44 -15.18 7.60
CA ASP C 222 -30.92 -16.53 7.57
C ASP C 222 -30.77 -16.96 6.11
N VAL C 223 -29.63 -17.55 5.78
CA VAL C 223 -29.29 -17.80 4.39
C VAL C 223 -30.21 -18.84 3.77
N ARG C 224 -30.68 -19.82 4.55
CA ARG C 224 -31.41 -20.95 3.97
C ARG C 224 -32.84 -20.54 3.59
N GLU C 225 -33.60 -19.99 4.54
CA GLU C 225 -34.99 -19.64 4.27
C GLU C 225 -35.09 -18.37 3.44
N GLY C 226 -34.23 -17.39 3.70
CA GLY C 226 -34.23 -16.17 2.91
C GLY C 226 -35.18 -15.08 3.37
N MET C 227 -35.50 -15.03 4.67
CA MET C 227 -36.40 -14.01 5.19
C MET C 227 -35.80 -13.38 6.44
N CYS C 228 -36.05 -12.09 6.62
CA CYS C 228 -35.60 -11.39 7.81
C CYS C 228 -36.28 -11.95 9.05
N ARG C 229 -35.57 -11.94 10.17
CA ARG C 229 -36.06 -12.50 11.43
C ARG C 229 -36.33 -11.44 12.49
N GLN C 230 -35.33 -10.60 12.80
CA GLN C 230 -35.46 -9.59 13.83
C GLN C 230 -34.75 -8.32 13.39
N THR C 231 -35.22 -7.18 13.90
CA THR C 231 -34.66 -5.88 13.57
C THR C 231 -34.21 -5.19 14.85
N PHE C 232 -32.98 -4.66 14.83
CA PHE C 232 -32.41 -3.94 15.98
C PHE C 232 -32.13 -2.51 15.56
N THR C 233 -32.91 -1.56 16.08
CA THR C 233 -32.73 -0.14 15.80
C THR C 233 -32.50 0.61 17.11
N GLY C 234 -31.25 1.00 17.35
CA GLY C 234 -30.91 1.79 18.50
C GLY C 234 -30.02 2.98 18.20
N HIS C 235 -29.46 3.01 16.99
CA HIS C 235 -28.48 4.02 16.62
C HIS C 235 -29.18 5.30 16.14
N GLU C 236 -28.37 6.31 15.85
CA GLU C 236 -28.87 7.59 15.37
C GLU C 236 -28.29 7.99 14.02
N SER C 237 -27.45 7.17 13.40
CA SER C 237 -26.83 7.49 12.12
C SER C 237 -26.48 6.20 11.40
N ASP C 238 -25.77 6.32 10.29
CA ASP C 238 -25.44 5.17 9.46
C ASP C 238 -24.53 4.20 10.21
N ILE C 239 -24.81 2.92 10.08
CA ILE C 239 -24.00 1.87 10.70
C ILE C 239 -22.89 1.50 9.72
N ASN C 240 -21.64 1.58 10.19
CA ASN C 240 -20.50 1.37 9.31
C ASN C 240 -19.83 0.00 9.47
N ALA C 241 -20.09 -0.70 10.56
CA ALA C 241 -19.44 -1.99 10.79
C ALA C 241 -20.31 -2.84 11.71
N ILE C 242 -20.05 -4.15 11.69
CA ILE C 242 -20.79 -5.10 12.51
C ILE C 242 -19.94 -6.36 12.66
N CYS C 243 -20.12 -7.05 13.79
CA CYS C 243 -19.38 -8.28 14.05
C CYS C 243 -20.04 -9.04 15.20
N PHE C 244 -20.12 -10.36 15.06
CA PHE C 244 -20.67 -11.20 16.11
C PHE C 244 -19.71 -11.40 17.27
N PHE C 245 -20.28 -11.73 18.42
CA PHE C 245 -19.53 -12.30 19.53
C PHE C 245 -19.04 -13.70 19.13
N PRO C 246 -17.91 -14.14 19.69
CA PRO C 246 -17.42 -15.50 19.36
C PRO C 246 -18.42 -16.60 19.67
N ASN C 247 -19.24 -16.43 20.71
CA ASN C 247 -20.24 -17.45 21.04
C ASN C 247 -21.33 -17.55 19.98
N GLY C 248 -21.54 -16.49 19.20
CA GLY C 248 -22.57 -16.49 18.18
C GLY C 248 -23.94 -16.06 18.65
N ASN C 249 -24.06 -15.54 19.87
CA ASN C 249 -25.35 -15.12 20.42
C ASN C 249 -25.41 -13.62 20.68
N ALA C 250 -24.47 -12.85 20.15
CA ALA C 250 -24.48 -11.40 20.31
C ALA C 250 -23.63 -10.78 19.22
N PHE C 251 -23.85 -9.48 19.00
CA PHE C 251 -23.08 -8.75 18.01
C PHE C 251 -22.97 -7.28 18.42
N ALA C 252 -21.95 -6.61 17.88
CA ALA C 252 -21.68 -5.22 18.18
C ALA C 252 -21.67 -4.42 16.88
N THR C 253 -22.37 -3.29 16.88
CA THR C 253 -22.50 -2.44 15.71
C THR C 253 -21.93 -1.06 16.01
N GLY C 254 -21.03 -0.59 15.14
CA GLY C 254 -20.45 0.73 15.26
C GLY C 254 -21.03 1.66 14.21
N SER C 255 -21.47 2.83 14.64
CA SER C 255 -22.14 3.79 13.79
C SER C 255 -21.31 5.06 13.66
N ASP C 256 -21.87 6.05 12.96
CA ASP C 256 -21.23 7.34 12.76
C ASP C 256 -21.54 8.32 13.89
N ASP C 257 -22.33 7.91 14.87
CA ASP C 257 -22.63 8.75 16.03
C ASP C 257 -21.55 8.68 17.10
N ALA C 258 -20.35 8.23 16.75
CA ALA C 258 -19.22 8.13 17.67
C ALA C 258 -19.52 7.18 18.83
N THR C 259 -20.31 6.14 18.58
CA THR C 259 -20.65 5.17 19.60
C THR C 259 -20.85 3.80 18.96
N CYS C 260 -20.43 2.75 19.67
CA CYS C 260 -20.68 1.38 19.28
C CYS C 260 -21.43 0.67 20.39
N ARG C 261 -22.43 -0.11 20.02
CA ARG C 261 -23.36 -0.70 20.98
C ARG C 261 -23.36 -2.21 20.88
N LEU C 262 -23.75 -2.87 21.96
CA LEU C 262 -23.83 -4.33 22.03
C LEU C 262 -25.29 -4.74 22.00
N PHE C 263 -25.63 -5.60 21.04
CA PHE C 263 -26.98 -6.13 20.91
C PHE C 263 -26.97 -7.63 21.20
N ASP C 264 -28.05 -8.11 21.80
CA ASP C 264 -28.20 -9.51 22.16
C ASP C 264 -29.28 -10.15 21.29
N LEU C 265 -28.93 -11.26 20.64
CA LEU C 265 -29.89 -11.96 19.79
C LEU C 265 -31.05 -12.51 20.62
N ARG C 266 -30.74 -13.13 21.76
CA ARG C 266 -31.78 -13.77 22.56
C ARG C 266 -32.59 -12.76 23.38
N ALA C 267 -31.96 -11.69 23.85
CA ALA C 267 -32.68 -10.65 24.57
C ALA C 267 -33.40 -9.68 23.64
N ASP C 268 -32.91 -9.51 22.42
CA ASP C 268 -33.55 -8.69 21.39
C ASP C 268 -33.67 -7.23 21.83
N GLN C 269 -32.60 -6.70 22.41
CA GLN C 269 -32.50 -5.31 22.83
C GLN C 269 -31.03 -5.00 23.08
N GLU C 270 -30.75 -3.79 23.54
CA GLU C 270 -29.38 -3.39 23.81
C GLU C 270 -28.89 -3.95 25.14
N LEU C 271 -27.56 -4.01 25.28
CA LEU C 271 -26.91 -4.43 26.51
C LEU C 271 -26.08 -3.31 27.13
N MET C 272 -25.26 -2.64 26.33
CA MET C 272 -24.47 -1.51 26.82
C MET C 272 -24.07 -0.64 25.64
N THR C 273 -23.70 0.60 25.95
CA THR C 273 -23.20 1.54 24.96
C THR C 273 -21.77 1.91 25.32
N TYR C 274 -20.92 2.01 24.29
CA TYR C 274 -19.49 2.23 24.47
C TYR C 274 -19.15 3.59 23.92
N SER C 275 -19.30 4.63 24.74
CA SER C 275 -19.10 6.00 24.33
C SER C 275 -18.25 6.75 25.36
N HIS C 276 -17.49 7.72 24.87
CA HIS C 276 -16.68 8.58 25.71
C HIS C 276 -16.98 10.04 25.38
N ASP C 277 -16.78 10.91 26.38
CA ASP C 277 -17.05 12.32 26.18
C ASP C 277 -16.11 12.94 25.15
N ASN C 278 -14.84 12.54 25.16
CA ASN C 278 -13.84 13.08 24.26
C ASN C 278 -13.81 12.38 22.90
N ILE C 279 -14.88 11.69 22.53
CA ILE C 279 -14.96 10.96 21.27
C ILE C 279 -16.02 11.62 20.40
N ILE C 280 -15.61 12.03 19.20
CA ILE C 280 -16.53 12.65 18.25
C ILE C 280 -16.55 11.95 16.90
N CYS C 281 -15.44 11.36 16.46
CA CYS C 281 -15.38 10.73 15.16
C CYS C 281 -16.19 9.43 15.14
N GLY C 282 -16.76 9.12 13.97
CA GLY C 282 -17.57 7.93 13.85
C GLY C 282 -16.75 6.66 13.72
N ILE C 283 -17.40 5.54 14.04
CA ILE C 283 -16.74 4.23 13.99
C ILE C 283 -16.58 3.80 12.54
N THR C 284 -15.46 3.16 12.23
CA THR C 284 -15.21 2.61 10.90
C THR C 284 -15.06 1.10 10.87
N SER C 285 -14.70 0.46 11.99
CA SER C 285 -14.50 -0.98 12.02
C SER C 285 -14.57 -1.46 13.46
N VAL C 286 -15.25 -2.58 13.68
CA VAL C 286 -15.40 -3.19 15.00
C VAL C 286 -15.02 -4.65 14.93
N SER C 287 -14.29 -5.13 15.92
CA SER C 287 -13.90 -6.53 16.00
C SER C 287 -13.82 -6.96 17.46
N PHE C 288 -13.94 -8.26 17.67
CA PHE C 288 -13.90 -8.86 18.99
C PHE C 288 -12.59 -9.62 19.19
N SER C 289 -12.31 -9.95 20.45
CA SER C 289 -11.17 -10.78 20.79
C SER C 289 -11.56 -12.26 20.77
N LYS C 290 -10.55 -13.12 20.94
CA LYS C 290 -10.80 -14.56 20.87
C LYS C 290 -11.73 -15.02 21.98
N SER C 291 -11.52 -14.53 23.20
CA SER C 291 -12.40 -14.86 24.31
C SER C 291 -13.60 -13.94 24.43
N GLY C 292 -13.65 -12.86 23.65
CA GLY C 292 -14.76 -11.93 23.70
C GLY C 292 -14.68 -10.90 24.80
N ARG C 293 -13.57 -10.82 25.53
CA ARG C 293 -13.46 -9.85 26.61
C ARG C 293 -13.02 -8.48 26.11
N LEU C 294 -12.28 -8.43 25.00
CA LEU C 294 -11.78 -7.18 24.44
C LEU C 294 -12.49 -6.89 23.12
N LEU C 295 -12.99 -5.67 22.99
CA LEU C 295 -13.67 -5.21 21.77
C LEU C 295 -12.87 -4.05 21.20
N LEU C 296 -12.13 -4.32 20.12
CA LEU C 296 -11.32 -3.30 19.47
C LEU C 296 -12.13 -2.64 18.36
N ALA C 297 -12.22 -1.31 18.41
CA ALA C 297 -12.98 -0.53 17.44
C ALA C 297 -12.08 0.51 16.79
N GLY C 298 -12.19 0.64 15.47
CA GLY C 298 -11.45 1.65 14.74
C GLY C 298 -12.25 2.94 14.64
N TYR C 299 -11.54 4.06 14.78
CA TYR C 299 -12.15 5.38 14.81
C TYR C 299 -11.63 6.22 13.66
N ASP C 300 -12.44 7.20 13.26
CA ASP C 300 -11.98 8.20 12.30
C ASP C 300 -11.08 9.24 12.95
N ASP C 301 -10.87 9.16 14.26
CA ASP C 301 -10.04 10.10 15.01
C ASP C 301 -8.57 9.70 15.04
N PHE C 302 -8.12 8.93 14.05
CA PHE C 302 -6.74 8.51 13.80
C PHE C 302 -6.23 7.45 14.77
N ASN C 303 -7.07 6.97 15.70
CA ASN C 303 -6.63 6.04 16.73
C ASN C 303 -7.62 4.89 16.85
N CYS C 304 -7.12 3.76 17.37
CA CYS C 304 -7.91 2.58 17.64
C CYS C 304 -7.98 2.37 19.14
N ASN C 305 -9.19 2.32 19.69
CA ASN C 305 -9.39 2.19 21.12
C ASN C 305 -9.78 0.75 21.47
N VAL C 306 -9.20 0.24 22.55
CA VAL C 306 -9.51 -1.10 23.04
C VAL C 306 -10.53 -0.96 24.17
N TRP C 307 -11.75 -1.44 23.93
CA TRP C 307 -12.85 -1.33 24.87
C TRP C 307 -13.05 -2.64 25.62
N ASP C 308 -13.20 -2.55 26.95
CA ASP C 308 -13.53 -3.71 27.76
C ASP C 308 -15.00 -4.07 27.55
N ALA C 309 -15.23 -5.25 26.98
CA ALA C 309 -16.59 -5.64 26.57
C ALA C 309 -17.54 -5.79 27.76
N LEU C 310 -17.03 -5.98 28.97
CA LEU C 310 -17.89 -6.16 30.14
C LEU C 310 -17.86 -4.98 31.10
N LYS C 311 -16.79 -4.18 31.10
CA LYS C 311 -16.67 -3.05 32.02
C LYS C 311 -17.04 -1.72 31.38
N ALA C 312 -17.10 -1.67 30.04
CA ALA C 312 -17.49 -0.47 29.30
C ALA C 312 -16.57 0.71 29.61
N ASP C 313 -15.26 0.44 29.64
CA ASP C 313 -14.27 1.47 29.85
C ASP C 313 -13.04 1.18 29.00
N ARG C 314 -12.29 2.23 28.71
CA ARG C 314 -11.11 2.11 27.85
C ARG C 314 -9.99 1.39 28.61
N ALA C 315 -9.47 0.32 28.02
CA ALA C 315 -8.33 -0.39 28.56
C ALA C 315 -7.02 -0.01 27.88
N GLY C 316 -7.07 0.81 26.84
CA GLY C 316 -5.87 1.22 26.15
C GLY C 316 -6.21 1.79 24.78
N VAL C 317 -5.17 2.28 24.11
CA VAL C 317 -5.30 2.87 22.79
C VAL C 317 -4.22 2.29 21.88
N LEU C 318 -4.55 2.20 20.60
CA LEU C 318 -3.62 1.76 19.56
C LEU C 318 -3.30 2.95 18.66
N ALA C 319 -2.29 3.71 19.03
CA ALA C 319 -1.88 4.89 18.28
C ALA C 319 -0.67 4.57 17.40
N GLY C 320 -0.56 5.31 16.30
CA GLY C 320 0.55 5.11 15.39
C GLY C 320 0.17 5.12 13.93
N HIS C 321 -1.08 5.50 13.63
CA HIS C 321 -1.55 5.62 12.26
C HIS C 321 -1.71 7.08 11.90
N ASP C 322 -1.25 7.45 10.70
CA ASP C 322 -1.26 8.84 10.27
C ASP C 322 -2.57 9.25 9.62
N ASN C 323 -3.55 8.34 9.52
CA ASN C 323 -4.82 8.67 8.88
C ASN C 323 -5.91 7.80 9.49
N ARG C 324 -7.12 7.94 8.96
CA ARG C 324 -8.27 7.17 9.41
C ARG C 324 -8.05 5.69 9.13
N VAL C 325 -8.34 4.85 10.13
CA VAL C 325 -8.23 3.40 9.97
C VAL C 325 -9.50 2.90 9.27
N SER C 326 -9.31 2.16 8.18
CA SER C 326 -10.45 1.66 7.42
C SER C 326 -10.92 0.28 7.84
N CYS C 327 -10.00 -0.59 8.28
CA CYS C 327 -10.36 -1.97 8.58
C CYS C 327 -9.46 -2.51 9.68
N LEU C 328 -9.99 -3.47 10.43
CA LEU C 328 -9.26 -4.13 11.51
C LEU C 328 -9.73 -5.57 11.59
N GLY C 329 -8.80 -6.47 11.92
CA GLY C 329 -9.14 -7.89 12.01
C GLY C 329 -8.27 -8.68 12.97
N VAL C 330 -8.90 -9.52 13.78
CA VAL C 330 -8.21 -10.38 14.73
C VAL C 330 -8.02 -11.76 14.11
N THR C 331 -6.87 -12.37 14.36
CA THR C 331 -6.58 -13.69 13.82
C THR C 331 -7.54 -14.72 14.39
N ASP C 332 -7.62 -15.86 13.69
CA ASP C 332 -8.52 -16.94 14.12
C ASP C 332 -8.09 -17.51 15.46
N ASP C 333 -6.78 -17.59 15.71
CA ASP C 333 -6.26 -18.11 16.97
C ASP C 333 -6.02 -17.02 18.01
N GLY C 334 -6.32 -15.76 17.70
CA GLY C 334 -6.23 -14.70 18.68
C GLY C 334 -4.84 -14.19 18.96
N MET C 335 -3.85 -14.57 18.16
CA MET C 335 -2.47 -14.22 18.48
C MET C 335 -2.21 -12.73 18.28
N ALA C 336 -2.68 -12.16 17.18
CA ALA C 336 -2.35 -10.79 16.81
C ALA C 336 -3.56 -10.10 16.21
N VAL C 337 -3.44 -8.78 16.05
CA VAL C 337 -4.46 -7.96 15.41
C VAL C 337 -3.79 -7.14 14.32
N ALA C 338 -4.50 -6.97 13.19
CA ALA C 338 -3.99 -6.20 12.07
C ALA C 338 -4.93 -5.05 11.77
N THR C 339 -4.36 -3.87 11.50
CA THR C 339 -5.13 -2.67 11.22
C THR C 339 -4.65 -2.05 9.91
N GLY C 340 -5.58 -1.72 9.04
CA GLY C 340 -5.27 -1.02 7.80
C GLY C 340 -5.92 0.35 7.80
N SER C 341 -5.25 1.31 7.15
CA SER C 341 -5.68 2.70 7.21
C SER C 341 -5.56 3.32 5.82
N TRP C 342 -5.87 4.62 5.74
CA TRP C 342 -5.86 5.36 4.49
C TRP C 342 -4.47 5.84 4.07
N ASP C 343 -3.44 5.63 4.89
CA ASP C 343 -2.09 6.02 4.55
C ASP C 343 -1.29 4.86 3.96
N SER C 344 -1.97 3.79 3.54
CA SER C 344 -1.37 2.67 2.84
C SER C 344 -0.37 1.90 3.70
N PHE C 345 -0.56 1.89 5.02
CA PHE C 345 0.29 1.13 5.93
C PHE C 345 -0.56 0.16 6.73
N LEU C 346 -0.15 -1.10 6.75
CA LEU C 346 -0.84 -2.17 7.48
C LEU C 346 0.07 -2.64 8.61
N LYS C 347 -0.45 -2.63 9.84
CA LYS C 347 0.36 -2.87 11.03
C LYS C 347 -0.18 -4.06 11.81
N ILE C 348 0.72 -4.90 12.30
CA ILE C 348 0.37 -6.04 13.14
C ILE C 348 0.78 -5.73 14.57
N TRP C 349 -0.19 -5.76 15.48
CA TRP C 349 0.06 -5.52 16.89
C TRP C 349 -0.01 -6.84 17.66
N ASN C 350 0.72 -6.88 18.77
CA ASN C 350 0.74 -8.07 19.63
C ASN C 350 1.25 -7.63 21.00
N ALA D 7 -50.36 -0.24 -5.37
CA ALA D 7 -49.05 0.37 -5.16
C ALA D 7 -48.66 0.34 -3.69
N SER D 8 -49.17 1.32 -2.94
CA SER D 8 -48.86 1.39 -1.51
C SER D 8 -49.55 0.29 -0.71
N ILE D 9 -50.63 -0.28 -1.24
CA ILE D 9 -51.34 -1.33 -0.53
C ILE D 9 -50.46 -2.57 -0.37
N ALA D 10 -49.76 -2.96 -1.45
CA ALA D 10 -48.87 -4.11 -1.37
C ALA D 10 -47.72 -3.85 -0.39
N GLN D 11 -47.16 -2.65 -0.40
CA GLN D 11 -46.08 -2.31 0.52
C GLN D 11 -46.56 -2.37 1.97
N ALA D 12 -47.76 -1.84 2.24
CA ALA D 12 -48.32 -1.89 3.59
C ALA D 12 -48.58 -3.33 4.02
N ARG D 13 -49.11 -4.16 3.11
CA ARG D 13 -49.34 -5.56 3.44
C ARG D 13 -48.04 -6.28 3.76
N LYS D 14 -46.99 -6.04 2.97
CA LYS D 14 -45.70 -6.66 3.24
C LYS D 14 -45.15 -6.20 4.59
N LEU D 15 -45.27 -4.90 4.88
CA LEU D 15 -44.76 -4.38 6.14
C LEU D 15 -45.50 -4.98 7.34
N VAL D 16 -46.83 -5.07 7.26
CA VAL D 16 -47.58 -5.61 8.39
C VAL D 16 -47.31 -7.11 8.54
N GLU D 17 -47.15 -7.83 7.43
CA GLU D 17 -46.79 -9.24 7.52
C GLU D 17 -45.43 -9.43 8.18
N GLN D 18 -44.45 -8.60 7.79
CA GLN D 18 -43.14 -8.67 8.40
C GLN D 18 -43.21 -8.36 9.89
N LEU D 19 -43.99 -7.35 10.28
CA LEU D 19 -44.12 -7.00 11.69
C LEU D 19 -44.78 -8.14 12.48
N LYS D 20 -45.83 -8.74 11.94
CA LYS D 20 -46.49 -9.85 12.62
C LYS D 20 -45.55 -11.03 12.79
N MET D 21 -44.78 -11.36 11.75
CA MET D 21 -43.87 -12.49 11.85
C MET D 21 -42.70 -12.18 12.79
N GLU D 22 -42.28 -10.92 12.87
CA GLU D 22 -41.16 -10.56 13.75
C GLU D 22 -41.60 -10.52 15.21
N ALA D 23 -42.84 -10.11 15.48
CA ALA D 23 -43.29 -9.93 16.85
C ALA D 23 -43.47 -11.24 17.61
N ASN D 24 -43.39 -12.38 16.93
CA ASN D 24 -43.61 -13.69 17.55
C ASN D 24 -42.31 -14.42 17.86
N ILE D 25 -41.29 -13.70 18.31
CA ILE D 25 -40.01 -14.28 18.68
C ILE D 25 -39.89 -14.34 20.18
N ASP D 26 -39.58 -15.52 20.72
CA ASP D 26 -39.42 -15.67 22.16
C ASP D 26 -38.18 -14.92 22.64
N ARG D 27 -38.30 -14.31 23.82
CA ARG D 27 -37.23 -13.49 24.39
C ARG D 27 -36.90 -13.97 25.79
N ILE D 28 -35.62 -14.18 26.07
CA ILE D 28 -35.15 -14.53 27.40
C ILE D 28 -34.80 -13.26 28.16
N LYS D 29 -34.67 -13.37 29.48
CA LYS D 29 -34.33 -12.22 30.30
C LYS D 29 -32.94 -11.69 29.98
N VAL D 30 -32.75 -10.40 30.23
CA VAL D 30 -31.45 -9.77 29.98
C VAL D 30 -30.40 -10.30 30.93
N SER D 31 -30.79 -10.57 32.18
CA SER D 31 -29.84 -11.05 33.18
C SER D 31 -29.22 -12.37 32.76
N LYS D 32 -30.03 -13.28 32.22
CA LYS D 32 -29.50 -14.57 31.77
C LYS D 32 -28.50 -14.39 30.63
N ALA D 33 -28.80 -13.49 29.69
CA ALA D 33 -27.88 -13.23 28.59
C ALA D 33 -26.57 -12.65 29.11
N ALA D 34 -26.64 -11.71 30.04
CA ALA D 34 -25.42 -11.15 30.62
C ALA D 34 -24.63 -12.23 31.35
N ALA D 35 -25.32 -13.12 32.06
CA ALA D 35 -24.65 -14.19 32.78
C ALA D 35 -23.91 -15.11 31.83
N ASP D 36 -24.53 -15.48 30.70
CA ASP D 36 -23.86 -16.42 29.80
C ASP D 36 -22.74 -15.76 29.01
N LEU D 37 -22.90 -14.48 28.62
CA LEU D 37 -21.76 -13.75 28.06
C LEU D 37 -20.60 -13.71 29.04
N MET D 38 -20.88 -13.40 30.31
CA MET D 38 -19.80 -13.32 31.31
C MET D 38 -19.14 -14.68 31.52
N ALA D 39 -19.95 -15.75 31.56
CA ALA D 39 -19.41 -17.08 31.75
C ALA D 39 -18.51 -17.48 30.58
N TYR D 40 -18.95 -17.20 29.35
CA TYR D 40 -18.11 -17.50 28.19
C TYR D 40 -16.82 -16.70 28.22
N CYS D 41 -16.91 -15.42 28.60
CA CYS D 41 -15.70 -14.59 28.66
C CYS D 41 -14.73 -15.09 29.72
N GLU D 42 -15.25 -15.63 30.83
CA GLU D 42 -14.36 -16.08 31.90
C GLU D 42 -13.78 -17.46 31.61
N ALA D 43 -14.55 -18.35 30.99
CA ALA D 43 -14.10 -19.72 30.80
C ALA D 43 -12.94 -19.82 29.81
N HIS D 44 -12.92 -18.97 28.79
CA HIS D 44 -11.86 -18.98 27.79
C HIS D 44 -10.80 -17.91 28.04
N ALA D 45 -10.68 -17.45 29.29
CA ALA D 45 -9.70 -16.41 29.60
C ALA D 45 -8.27 -16.92 29.48
N LYS D 46 -8.04 -18.20 29.76
CA LYS D 46 -6.69 -18.75 29.67
C LYS D 46 -6.18 -18.74 28.23
N GLU D 47 -7.01 -19.13 27.27
CA GLU D 47 -6.63 -19.17 25.86
C GLU D 47 -7.00 -17.84 25.21
N ASP D 48 -6.19 -16.83 25.49
CA ASP D 48 -6.38 -15.51 24.91
C ASP D 48 -5.03 -14.79 24.91
N PRO D 49 -4.26 -14.94 23.83
CA PRO D 49 -2.91 -14.36 23.80
C PRO D 49 -2.87 -12.84 23.83
N LEU D 50 -4.02 -12.17 23.99
CA LEU D 50 -4.08 -10.72 23.96
C LEU D 50 -4.27 -10.11 25.34
N LEU D 51 -5.29 -10.53 26.10
CA LEU D 51 -5.44 -9.99 27.46
C LEU D 51 -4.38 -10.55 28.40
N THR D 52 -3.88 -11.74 28.13
CA THR D 52 -2.73 -12.27 28.86
C THR D 52 -1.51 -12.27 27.94
N PRO D 53 -0.52 -11.41 28.18
CA PRO D 53 0.65 -11.37 27.30
C PRO D 53 1.37 -12.71 27.24
N VAL D 54 1.86 -13.05 26.06
CA VAL D 54 2.59 -14.29 25.83
C VAL D 54 4.08 -13.96 25.78
N PRO D 55 4.94 -14.74 26.45
CA PRO D 55 6.38 -14.46 26.41
C PRO D 55 6.93 -14.62 25.00
N ALA D 56 8.08 -13.96 24.78
CA ALA D 56 8.70 -13.94 23.45
C ALA D 56 9.06 -15.32 22.94
N SER D 57 9.22 -16.30 23.84
CA SER D 57 9.52 -17.66 23.41
C SER D 57 8.37 -18.27 22.62
N GLU D 58 7.14 -18.01 23.03
CA GLU D 58 5.97 -18.70 22.49
C GLU D 58 5.15 -17.84 21.52
N ASN D 59 5.67 -16.69 21.11
CA ASN D 59 4.93 -15.90 20.12
C ASN D 59 5.66 -15.85 18.79
N PRO D 60 4.97 -16.14 17.68
CA PRO D 60 5.62 -16.07 16.36
C PRO D 60 6.04 -14.67 15.94
N PHE D 61 5.42 -13.63 16.49
CA PHE D 61 5.69 -12.25 16.08
C PHE D 61 6.79 -11.63 16.92
N ARG D 62 7.96 -12.25 16.95
CA ARG D 62 9.10 -11.74 17.71
C ARG D 62 9.91 -10.77 16.86
N ASP E 1 -2.99 -29.48 -22.43
CA ASP E 1 -2.66 -29.05 -21.06
C ASP E 1 -1.17 -28.75 -20.92
N VAL E 2 -0.66 -28.93 -19.71
CA VAL E 2 0.75 -28.69 -19.46
C VAL E 2 1.59 -29.69 -20.24
N GLN E 3 2.55 -29.18 -21.01
CA GLN E 3 3.37 -30.02 -21.87
C GLN E 3 4.80 -29.56 -21.82
N LEU E 4 5.72 -30.51 -21.61
CA LEU E 4 7.17 -30.25 -21.57
C LEU E 4 7.83 -31.25 -22.49
N VAL E 5 7.98 -30.87 -23.76
CA VAL E 5 8.62 -31.72 -24.77
C VAL E 5 10.02 -31.19 -25.01
N GLU E 6 11.02 -32.07 -24.88
CA GLU E 6 12.40 -31.71 -25.10
C GLU E 6 13.03 -32.68 -26.09
N SER E 7 13.99 -32.16 -26.86
CA SER E 7 14.62 -32.93 -27.93
C SER E 7 16.00 -32.35 -28.19
N GLY E 8 16.81 -33.12 -28.92
CA GLY E 8 18.16 -32.71 -29.25
C GLY E 8 19.21 -33.68 -28.77
N GLY E 9 18.82 -34.94 -28.59
CA GLY E 9 19.72 -35.98 -28.09
C GLY E 9 20.02 -36.99 -29.18
N GLY E 10 21.25 -37.50 -29.16
CA GLY E 10 21.66 -38.49 -30.14
C GLY E 10 23.09 -38.93 -29.90
N LEU E 11 23.61 -39.70 -30.85
CA LEU E 11 24.97 -40.21 -30.76
C LEU E 11 25.96 -39.07 -30.91
N VAL E 12 26.81 -38.87 -29.88
CA VAL E 12 27.80 -37.81 -29.87
C VAL E 12 29.17 -38.44 -29.65
N GLN E 13 30.14 -38.04 -30.47
CA GLN E 13 31.49 -38.52 -30.30
C GLN E 13 32.12 -37.95 -29.03
N PRO E 14 33.06 -38.65 -28.41
CA PRO E 14 33.69 -38.14 -27.19
C PRO E 14 34.42 -36.83 -27.45
N GLY E 15 34.38 -35.96 -26.45
CA GLY E 15 35.03 -34.66 -26.54
C GLY E 15 34.26 -33.61 -27.32
N GLY E 16 33.05 -33.92 -27.77
CA GLY E 16 32.26 -32.99 -28.55
C GLY E 16 31.33 -32.16 -27.69
N SER E 17 30.30 -31.62 -28.34
CA SER E 17 29.31 -30.81 -27.66
C SER E 17 27.94 -31.12 -28.24
N ARG E 18 26.91 -30.76 -27.48
CA ARG E 18 25.54 -30.94 -27.93
C ARG E 18 24.65 -29.97 -27.18
N LYS E 19 23.69 -29.39 -27.89
CA LYS E 19 22.81 -28.37 -27.35
C LYS E 19 21.40 -28.92 -27.25
N LEU E 20 20.80 -28.81 -26.08
CA LEU E 20 19.50 -29.42 -25.79
C LEU E 20 18.46 -28.33 -25.57
N SER E 21 17.26 -28.56 -26.07
CA SER E 21 16.15 -27.62 -25.94
C SER E 21 14.98 -28.30 -25.24
N CYS E 22 14.36 -27.58 -24.31
CA CYS E 22 13.18 -28.05 -23.58
C CYS E 22 12.03 -27.12 -23.89
N SER E 23 11.22 -27.49 -24.88
CA SER E 23 10.07 -26.68 -25.27
C SER E 23 8.94 -26.84 -24.25
N ALA E 24 8.38 -25.71 -23.82
CA ALA E 24 7.32 -25.70 -22.81
C ALA E 24 6.09 -24.97 -23.35
N SER E 25 4.92 -25.50 -23.02
CA SER E 25 3.66 -24.89 -23.44
C SER E 25 2.57 -25.27 -22.46
N GLY E 26 1.53 -24.43 -22.40
CA GLY E 26 0.38 -24.68 -21.56
C GLY E 26 0.45 -24.08 -20.17
N PHE E 27 1.58 -23.50 -19.78
CA PHE E 27 1.72 -22.88 -18.47
C PHE E 27 2.60 -21.64 -18.58
N ALA E 28 2.59 -20.84 -17.51
CA ALA E 28 3.35 -19.60 -17.45
C ALA E 28 4.82 -19.93 -17.20
N PHE E 29 5.58 -20.07 -18.28
CA PHE E 29 6.99 -20.44 -18.19
C PHE E 29 7.83 -19.38 -17.50
N SER E 30 7.37 -18.13 -17.48
CA SER E 30 8.21 -17.04 -16.97
C SER E 30 8.44 -17.12 -15.48
N SER E 31 7.46 -17.63 -14.73
CA SER E 31 7.52 -17.63 -13.26
C SER E 31 7.91 -18.98 -12.68
N PHE E 32 8.42 -19.91 -13.50
CA PHE E 32 8.75 -21.25 -13.05
C PHE E 32 10.25 -21.48 -13.14
N GLY E 33 10.83 -22.04 -12.08
CA GLY E 33 12.24 -22.40 -12.08
C GLY E 33 12.43 -23.80 -12.65
N MET E 34 13.42 -23.95 -13.52
CA MET E 34 13.64 -25.19 -14.26
C MET E 34 14.92 -25.88 -13.79
N HIS E 35 14.86 -27.20 -13.70
CA HIS E 35 16.00 -28.04 -13.34
C HIS E 35 16.42 -28.89 -14.54
N TRP E 36 17.43 -29.73 -14.31
CA TRP E 36 17.89 -30.69 -15.30
C TRP E 36 18.33 -31.95 -14.56
N VAL E 37 17.68 -33.07 -14.83
CA VAL E 37 17.94 -34.33 -14.14
C VAL E 37 18.26 -35.40 -15.18
N ARG E 38 19.36 -36.11 -14.97
CA ARG E 38 19.75 -37.22 -15.84
C ARG E 38 19.64 -38.54 -15.08
N GLN E 39 19.68 -39.63 -15.85
CA GLN E 39 19.53 -40.96 -15.27
C GLN E 39 20.36 -41.94 -16.08
N ALA E 40 21.29 -42.62 -15.42
CA ALA E 40 22.15 -43.57 -16.09
C ALA E 40 21.35 -44.78 -16.57
N PRO E 41 21.88 -45.52 -17.55
CA PRO E 41 21.13 -46.68 -18.07
C PRO E 41 20.78 -47.71 -17.00
N GLU E 42 21.67 -47.94 -16.03
CA GLU E 42 21.44 -48.95 -15.01
C GLU E 42 21.53 -48.40 -13.58
N LYS E 43 21.60 -47.08 -13.42
CA LYS E 43 21.70 -46.46 -12.11
C LYS E 43 20.51 -45.54 -11.88
N GLY E 44 20.55 -44.80 -10.77
CA GLY E 44 19.47 -43.92 -10.39
C GLY E 44 19.63 -42.52 -10.95
N LEU E 45 18.77 -41.63 -10.47
CA LEU E 45 18.75 -40.25 -10.93
C LEU E 45 19.95 -39.48 -10.37
N GLU E 46 20.25 -38.34 -10.99
CA GLU E 46 21.36 -37.50 -10.56
C GLU E 46 21.10 -36.06 -10.98
N TRP E 47 20.97 -35.18 -9.98
CA TRP E 47 20.73 -33.77 -10.26
C TRP E 47 21.92 -33.16 -10.99
N VAL E 48 21.63 -32.25 -11.93
CA VAL E 48 22.67 -31.73 -12.81
C VAL E 48 22.81 -30.21 -12.67
N ALA E 49 21.73 -29.48 -12.92
CA ALA E 49 21.79 -28.02 -12.91
C ALA E 49 20.44 -27.46 -12.46
N TYR E 50 20.38 -26.13 -12.34
CA TYR E 50 19.19 -25.46 -11.86
C TYR E 50 19.25 -23.99 -12.26
N ILE E 51 18.13 -23.47 -12.78
CA ILE E 51 17.98 -22.06 -13.08
C ILE E 51 16.71 -21.56 -12.40
N SER E 52 16.78 -20.36 -11.85
CA SER E 52 15.67 -19.80 -11.09
C SER E 52 14.79 -18.92 -11.97
N SER E 53 13.66 -18.49 -11.40
CA SER E 53 12.77 -17.59 -12.11
C SER E 53 13.42 -16.22 -12.24
N GLY E 54 13.47 -15.71 -13.47
CA GLY E 54 14.18 -14.48 -13.73
C GLY E 54 15.66 -14.63 -13.93
N SER E 55 16.16 -15.87 -14.03
CA SER E 55 17.58 -16.13 -14.25
C SER E 55 18.46 -15.52 -13.16
N GLY E 56 17.98 -15.60 -11.92
CA GLY E 56 18.72 -15.06 -10.80
C GLY E 56 19.90 -15.89 -10.37
N THR E 57 19.64 -17.10 -9.85
CA THR E 57 20.67 -17.97 -9.32
C THR E 57 20.82 -19.22 -10.19
N ILE E 58 22.06 -19.63 -10.42
CA ILE E 58 22.38 -20.85 -11.16
C ILE E 58 23.34 -21.69 -10.32
N TYR E 59 23.06 -22.98 -10.22
CA TYR E 59 23.88 -23.92 -9.47
C TYR E 59 24.26 -25.09 -10.35
N TYR E 60 25.35 -25.76 -9.98
CA TYR E 60 25.84 -26.92 -10.70
C TYR E 60 26.32 -27.98 -9.72
N ALA E 61 26.37 -29.22 -10.19
CA ALA E 61 26.84 -30.33 -9.39
C ALA E 61 28.36 -30.36 -9.34
N ASP E 62 28.89 -31.29 -8.53
CA ASP E 62 30.33 -31.41 -8.40
C ASP E 62 30.99 -31.84 -9.71
N THR E 63 30.37 -32.78 -10.42
CA THR E 63 30.88 -33.30 -11.67
C THR E 63 30.35 -32.53 -12.88
N VAL E 64 29.70 -31.40 -12.65
CA VAL E 64 29.04 -30.66 -13.72
C VAL E 64 29.54 -29.24 -13.87
N LYS E 65 29.99 -28.60 -12.79
CA LYS E 65 30.41 -27.19 -12.84
C LYS E 65 31.55 -26.99 -13.83
N GLY E 66 31.46 -25.92 -14.60
CA GLY E 66 32.47 -25.60 -15.60
C GLY E 66 32.23 -26.16 -16.98
N ARG E 67 31.92 -27.45 -17.08
CA ARG E 67 31.66 -28.05 -18.38
C ARG E 67 30.28 -27.64 -18.91
N PHE E 68 29.27 -27.65 -18.05
CA PHE E 68 27.90 -27.41 -18.46
C PHE E 68 27.46 -25.98 -18.11
N THR E 69 26.35 -25.57 -18.70
CA THR E 69 25.74 -24.28 -18.40
C THR E 69 24.27 -24.32 -18.77
N ILE E 70 23.44 -23.68 -17.95
CA ILE E 70 21.99 -23.69 -18.10
C ILE E 70 21.50 -22.28 -18.37
N SER E 71 20.68 -22.13 -19.42
CA SER E 71 20.08 -20.85 -19.76
C SER E 71 18.65 -21.06 -20.19
N ARG E 72 17.85 -20.01 -20.09
CA ARG E 72 16.44 -20.05 -20.46
C ARG E 72 16.12 -18.90 -21.41
N ASP E 73 15.05 -19.09 -22.20
CA ASP E 73 14.53 -18.08 -23.10
C ASP E 73 13.04 -17.91 -22.78
N ASP E 74 12.74 -16.96 -21.88
CA ASP E 74 11.37 -16.78 -21.43
C ASP E 74 10.40 -16.39 -22.55
N PRO E 75 10.70 -15.42 -23.42
CA PRO E 75 9.76 -15.11 -24.50
C PRO E 75 9.51 -16.28 -25.45
N LYS E 76 10.51 -17.13 -25.67
CA LYS E 76 10.35 -18.28 -26.55
C LYS E 76 9.91 -19.54 -25.82
N ASN E 77 9.77 -19.49 -24.49
CA ASN E 77 9.25 -20.59 -23.69
C ASN E 77 10.12 -21.85 -23.86
N THR E 78 11.44 -21.69 -23.77
CA THR E 78 12.37 -22.80 -23.92
C THR E 78 13.44 -22.73 -22.84
N LEU E 79 13.92 -23.91 -22.45
CA LEU E 79 15.04 -24.05 -21.51
C LEU E 79 16.18 -24.73 -22.23
N PHE E 80 17.39 -24.19 -22.07
CA PHE E 80 18.55 -24.64 -22.83
C PHE E 80 19.64 -25.12 -21.87
N LEU E 81 20.41 -26.11 -22.32
CA LEU E 81 21.54 -26.65 -21.56
C LEU E 81 22.69 -26.89 -22.53
N GLN E 82 23.64 -25.95 -22.58
CA GLN E 82 24.83 -26.13 -23.39
C GLN E 82 25.86 -26.95 -22.61
N MET E 83 26.13 -28.17 -23.09
CA MET E 83 27.02 -29.09 -22.41
C MET E 83 28.21 -29.39 -23.30
N THR E 84 29.41 -29.29 -22.73
CA THR E 84 30.66 -29.33 -23.50
C THR E 84 31.63 -30.32 -22.88
N SER E 85 32.55 -30.81 -23.73
CA SER E 85 33.61 -31.74 -23.33
C SER E 85 33.03 -33.04 -22.77
N LEU E 86 32.31 -33.75 -23.63
CA LEU E 86 31.60 -34.95 -23.21
C LEU E 86 32.58 -36.09 -22.92
N ARG E 87 32.59 -36.54 -21.68
CA ARG E 87 33.36 -37.71 -21.29
C ARG E 87 32.52 -38.97 -21.52
N SER E 88 33.10 -40.12 -21.18
CA SER E 88 32.42 -41.38 -21.42
C SER E 88 31.31 -41.67 -20.41
N GLU E 89 31.31 -40.99 -19.27
CA GLU E 89 30.34 -41.24 -18.22
C GLU E 89 29.12 -40.33 -18.29
N ASP E 90 29.01 -39.49 -19.32
CA ASP E 90 27.92 -38.54 -19.44
C ASP E 90 26.68 -39.13 -20.12
N THR E 91 26.74 -40.39 -20.55
CA THR E 91 25.59 -41.00 -21.19
C THR E 91 24.44 -41.16 -20.19
N ALA E 92 23.26 -40.71 -20.60
CA ALA E 92 22.05 -40.74 -19.78
C ALA E 92 20.89 -40.27 -20.64
N MET E 93 19.72 -40.15 -20.03
CA MET E 93 18.54 -39.59 -20.69
C MET E 93 18.02 -38.45 -19.83
N TYR E 94 18.15 -37.22 -20.33
CA TYR E 94 17.99 -36.01 -19.53
C TYR E 94 16.54 -35.56 -19.50
N TYR E 95 16.06 -35.17 -18.32
CA TYR E 95 14.68 -34.76 -18.09
C TYR E 95 14.60 -33.25 -17.92
N CYS E 96 13.36 -32.74 -17.93
CA CYS E 96 13.08 -31.32 -17.75
C CYS E 96 12.01 -31.19 -16.67
N VAL E 97 12.30 -30.40 -15.62
CA VAL E 97 11.46 -30.34 -14.43
C VAL E 97 11.18 -28.88 -14.08
N ARG E 98 9.96 -28.60 -13.64
CA ARG E 98 9.53 -27.28 -13.20
C ARG E 98 9.27 -27.28 -11.70
N SER E 99 9.84 -26.30 -11.00
CA SER E 99 9.91 -26.33 -9.53
C SER E 99 9.60 -24.96 -8.93
N ILE E 100 8.46 -24.36 -9.30
CA ILE E 100 8.08 -23.06 -8.75
C ILE E 100 8.07 -23.11 -7.22
N TYR E 101 8.58 -22.04 -6.60
CA TYR E 101 8.73 -21.98 -5.15
C TYR E 101 7.95 -20.81 -4.58
N TYR E 102 7.09 -21.10 -3.60
CA TYR E 102 6.54 -20.09 -2.70
C TYR E 102 5.95 -20.83 -1.50
N TYR E 103 5.36 -20.07 -0.58
CA TYR E 103 4.80 -20.67 0.62
C TYR E 103 3.62 -21.58 0.26
N GLY E 104 3.81 -22.87 0.44
CA GLY E 104 2.79 -23.85 0.08
C GLY E 104 2.85 -24.37 -1.34
N SER E 105 3.92 -24.08 -2.08
CA SER E 105 4.04 -24.56 -3.45
C SER E 105 4.39 -26.05 -3.48
N SER E 106 4.44 -26.59 -4.70
CA SER E 106 4.71 -28.01 -4.93
C SER E 106 5.84 -28.17 -5.93
N PRO E 107 7.09 -28.05 -5.49
CA PRO E 107 8.21 -28.18 -6.43
C PRO E 107 8.33 -29.59 -7.01
N PHE E 108 8.93 -29.67 -8.19
CA PHE E 108 9.15 -30.93 -8.90
C PHE E 108 7.84 -31.65 -9.22
N ASP E 109 6.77 -30.90 -9.47
CA ASP E 109 5.47 -31.53 -9.69
C ASP E 109 5.37 -32.18 -11.06
N PHE E 110 5.90 -31.55 -12.10
CA PHE E 110 5.78 -32.06 -13.46
C PHE E 110 7.15 -32.34 -14.04
N TRP E 111 7.28 -33.50 -14.69
CA TRP E 111 8.54 -33.95 -15.29
C TRP E 111 8.40 -34.04 -16.80
N GLY E 112 9.53 -33.89 -17.49
CA GLY E 112 9.55 -33.98 -18.94
C GLY E 112 9.52 -35.42 -19.43
N GLN E 113 9.84 -35.58 -20.71
CA GLN E 113 9.81 -36.89 -21.35
C GLN E 113 11.19 -37.52 -21.47
N GLY E 114 12.21 -36.78 -21.86
CA GLY E 114 13.57 -37.29 -21.85
C GLY E 114 14.13 -37.52 -23.25
N THR E 115 15.42 -37.21 -23.40
CA THR E 115 16.15 -37.45 -24.65
C THR E 115 17.36 -38.32 -24.34
N THR E 116 17.44 -39.47 -25.01
CA THR E 116 18.60 -40.33 -24.84
C THR E 116 19.84 -39.70 -25.48
N LEU E 117 20.96 -39.80 -24.79
CA LEU E 117 22.24 -39.23 -25.25
C LEU E 117 23.30 -40.33 -25.17
N THR E 118 23.40 -41.14 -26.21
CA THR E 118 24.39 -42.22 -26.25
C THR E 118 25.75 -41.63 -26.62
N VAL E 119 26.62 -41.50 -25.62
CA VAL E 119 27.96 -40.95 -25.84
C VAL E 119 28.93 -42.10 -26.00
N SER E 120 29.77 -42.02 -27.03
CA SER E 120 30.76 -43.06 -27.27
C SER E 120 31.97 -42.89 -26.36
N GLY E 135 32.45 -33.48 -0.23
CA GLY E 135 32.79 -34.04 1.06
C GLY E 135 31.73 -33.77 2.12
N SER E 136 31.23 -32.54 2.14
CA SER E 136 30.22 -32.12 3.10
C SER E 136 28.80 -32.38 2.61
N ASP E 137 28.63 -32.98 1.44
CA ASP E 137 27.31 -33.24 0.89
C ASP E 137 26.58 -34.28 1.73
N ILE E 138 25.24 -34.19 1.72
CA ILE E 138 24.41 -35.08 2.51
C ILE E 138 24.35 -36.43 1.79
N VAL E 139 24.72 -37.49 2.51
CA VAL E 139 24.71 -38.84 1.95
C VAL E 139 23.39 -39.50 2.35
N MET E 140 22.50 -39.66 1.39
CA MET E 140 21.16 -40.19 1.62
C MET E 140 21.07 -41.56 0.96
N THR E 141 20.91 -42.61 1.76
CA THR E 141 20.98 -43.98 1.27
C THR E 141 19.72 -44.76 1.63
N GLN E 142 19.29 -45.62 0.71
CA GLN E 142 18.22 -46.58 0.96
C GLN E 142 18.85 -47.94 1.24
N ALA E 143 18.46 -48.55 2.36
CA ALA E 143 19.09 -49.79 2.80
C ALA E 143 18.84 -50.93 1.82
N THR E 144 17.59 -51.08 1.38
CA THR E 144 17.20 -52.19 0.53
C THR E 144 17.00 -51.71 -0.90
N SER E 145 17.59 -52.42 -1.86
CA SER E 145 17.53 -52.05 -3.26
C SER E 145 16.54 -52.87 -4.07
N SER E 146 15.89 -53.88 -3.47
CA SER E 146 14.93 -54.69 -4.20
C SER E 146 14.00 -55.39 -3.21
N VAL E 147 12.71 -55.29 -3.45
CA VAL E 147 11.70 -55.97 -2.61
C VAL E 147 10.66 -56.64 -3.50
N PRO E 148 10.31 -57.91 -3.24
CA PRO E 148 9.21 -58.53 -3.97
C PRO E 148 7.86 -58.27 -3.29
N VAL E 149 6.87 -57.84 -4.08
CA VAL E 149 5.56 -57.49 -3.54
C VAL E 149 4.47 -58.20 -4.33
N THR E 150 3.29 -58.26 -3.73
CA THR E 150 2.11 -58.86 -4.34
C THR E 150 0.93 -57.91 -4.22
N PRO E 151 0.01 -57.94 -5.17
CA PRO E 151 -1.19 -57.09 -5.07
C PRO E 151 -2.00 -57.41 -3.82
N GLY E 152 -2.57 -56.38 -3.22
CA GLY E 152 -3.35 -56.52 -2.01
C GLY E 152 -2.56 -56.43 -0.72
N GLU E 153 -1.24 -56.33 -0.80
CA GLU E 153 -0.38 -56.25 0.38
C GLU E 153 0.14 -54.83 0.57
N SER E 154 0.74 -54.60 1.74
CA SER E 154 1.32 -53.31 2.10
C SER E 154 2.83 -53.40 2.06
N VAL E 155 3.47 -52.39 1.47
CA VAL E 155 4.92 -52.34 1.34
C VAL E 155 5.40 -51.01 1.92
N SER E 156 6.51 -51.05 2.64
CA SER E 156 7.11 -49.86 3.25
C SER E 156 8.55 -49.74 2.80
N ILE E 157 8.93 -48.54 2.35
CA ILE E 157 10.28 -48.25 1.89
C ILE E 157 10.89 -47.20 2.81
N SER E 158 12.13 -47.45 3.24
CA SER E 158 12.82 -46.57 4.16
C SER E 158 14.02 -45.92 3.48
N CYS E 159 14.39 -44.74 3.96
CA CYS E 159 15.51 -43.98 3.39
C CYS E 159 16.13 -43.16 4.51
N ARG E 160 17.35 -43.51 4.89
CA ARG E 160 18.06 -42.83 5.97
C ARG E 160 18.91 -41.70 5.41
N SER E 161 19.04 -40.64 6.19
CA SER E 161 19.83 -39.46 5.83
C SER E 161 20.98 -39.30 6.81
N SER E 162 22.13 -38.84 6.30
CA SER E 162 23.29 -38.66 7.15
C SER E 162 23.08 -37.53 8.16
N LYS E 163 22.60 -36.39 7.69
CA LYS E 163 22.34 -35.24 8.53
C LYS E 163 20.86 -35.14 8.88
N SER E 164 20.55 -34.27 9.84
CA SER E 164 19.17 -33.99 10.21
C SER E 164 18.56 -33.04 9.19
N LEU E 165 17.45 -33.44 8.58
CA LEU E 165 16.79 -32.65 7.55
C LEU E 165 15.73 -31.71 8.11
N LEU E 166 15.50 -31.72 9.42
CA LEU E 166 14.49 -30.87 10.04
C LEU E 166 15.11 -29.51 10.32
N HIS E 167 14.68 -28.49 9.58
CA HIS E 167 15.15 -27.13 9.78
C HIS E 167 14.49 -26.49 10.99
N SER E 168 15.03 -25.35 11.40
CA SER E 168 14.53 -24.65 12.59
C SER E 168 13.10 -24.15 12.42
N ASN E 169 12.61 -24.02 11.18
CA ASN E 169 11.25 -23.54 10.96
C ASN E 169 10.20 -24.63 11.06
N GLY E 170 10.60 -25.89 11.26
CA GLY E 170 9.67 -26.97 11.44
C GLY E 170 9.38 -27.81 10.21
N ASN E 171 10.00 -27.49 9.07
CA ASN E 171 9.76 -28.20 7.82
C ASN E 171 10.96 -29.09 7.51
N THR E 172 10.70 -30.37 7.29
CA THR E 172 11.73 -31.32 6.85
C THR E 172 11.61 -31.51 5.35
N TYR E 173 12.76 -31.50 4.67
CA TYR E 173 12.80 -31.50 3.21
C TYR E 173 13.16 -32.89 2.70
N LEU E 174 12.15 -33.73 2.57
CA LEU E 174 12.29 -35.06 1.98
C LEU E 174 11.25 -35.26 0.90
N TYR E 175 11.68 -35.74 -0.26
CA TYR E 175 10.81 -35.93 -1.41
C TYR E 175 10.80 -37.39 -1.84
N TRP E 176 9.67 -37.84 -2.36
CA TRP E 176 9.48 -39.21 -2.82
C TRP E 176 8.99 -39.20 -4.25
N PHE E 177 9.62 -40.02 -5.11
CA PHE E 177 9.27 -40.12 -6.51
C PHE E 177 9.07 -41.58 -6.91
N LEU E 178 8.20 -41.78 -7.91
CA LEU E 178 7.95 -43.10 -8.48
C LEU E 178 8.15 -43.03 -9.99
N GLN E 179 8.96 -43.94 -10.53
CA GLN E 179 9.25 -43.99 -11.96
C GLN E 179 8.73 -45.32 -12.51
N ARG E 180 7.58 -45.28 -13.16
CA ARG E 180 7.02 -46.48 -13.75
C ARG E 180 7.86 -46.92 -14.94
N PRO E 181 7.85 -48.22 -15.28
CA PRO E 181 8.65 -48.70 -16.41
C PRO E 181 8.23 -48.05 -17.72
N GLY E 182 9.20 -47.44 -18.39
CA GLY E 182 8.95 -46.78 -19.67
C GLY E 182 8.39 -45.39 -19.58
N GLN E 183 8.22 -44.84 -18.38
CA GLN E 183 7.68 -43.51 -18.18
C GLN E 183 8.69 -42.64 -17.44
N SER E 184 8.26 -41.45 -17.05
CA SER E 184 9.05 -40.48 -16.29
C SER E 184 8.61 -40.46 -14.83
N PRO E 185 9.52 -40.10 -13.92
CA PRO E 185 9.15 -40.06 -12.50
C PRO E 185 8.03 -39.07 -12.23
N GLN E 186 7.17 -39.44 -11.27
CA GLN E 186 6.04 -38.60 -10.88
C GLN E 186 6.13 -38.31 -9.38
N LEU E 187 6.00 -37.04 -9.02
CA LEU E 187 6.10 -36.65 -7.63
C LEU E 187 4.93 -37.22 -6.84
N LEU E 188 5.21 -37.81 -5.68
CA LEU E 188 4.20 -38.40 -4.82
C LEU E 188 4.08 -37.69 -3.48
N ILE E 189 5.19 -37.45 -2.80
CA ILE E 189 5.20 -36.80 -1.49
C ILE E 189 6.25 -35.70 -1.50
N TYR E 190 5.85 -34.50 -1.12
CA TYR E 190 6.79 -33.38 -0.99
C TYR E 190 6.82 -32.92 0.47
N ARG E 191 8.03 -32.60 0.94
CA ARG E 191 8.29 -32.25 2.33
C ARG E 191 7.91 -33.37 3.30
N MET E 192 7.95 -34.61 2.81
CA MET E 192 7.91 -35.82 3.62
C MET E 192 6.55 -36.09 4.26
N SER E 193 5.62 -35.14 4.14
CA SER E 193 4.29 -35.35 4.72
C SER E 193 3.13 -34.92 3.84
N ASN E 194 3.35 -34.15 2.78
CA ASN E 194 2.28 -33.60 1.96
C ASN E 194 2.13 -34.42 0.68
N LEU E 195 0.90 -34.85 0.40
CA LEU E 195 0.61 -35.63 -0.79
C LEU E 195 0.40 -34.70 -1.99
N ALA E 196 1.08 -35.00 -3.09
CA ALA E 196 0.97 -34.18 -4.29
C ALA E 196 -0.40 -34.34 -4.92
N SER E 197 -0.81 -33.34 -5.70
CA SER E 197 -2.10 -33.35 -6.35
C SER E 197 -2.14 -34.43 -7.44
N GLY E 198 -3.24 -35.18 -7.46
CA GLY E 198 -3.43 -36.24 -8.43
C GLY E 198 -3.01 -37.62 -7.96
N VAL E 199 -2.19 -37.70 -6.92
CA VAL E 199 -1.72 -38.98 -6.39
C VAL E 199 -2.84 -39.62 -5.57
N PRO E 200 -3.08 -40.92 -5.72
CA PRO E 200 -4.11 -41.58 -4.90
C PRO E 200 -3.78 -41.49 -3.43
N ASP E 201 -4.84 -41.47 -2.61
CA ASP E 201 -4.69 -41.26 -1.17
C ASP E 201 -4.01 -42.42 -0.45
N ARG E 202 -3.87 -43.58 -1.11
CA ARG E 202 -3.30 -44.74 -0.43
C ARG E 202 -1.81 -44.56 -0.12
N PHE E 203 -1.15 -43.57 -0.70
CA PHE E 203 0.27 -43.33 -0.45
C PHE E 203 0.43 -42.39 0.74
N SER E 204 1.28 -42.79 1.69
CA SER E 204 1.52 -42.00 2.89
C SER E 204 3.01 -41.98 3.20
N GLY E 205 3.44 -40.96 3.92
CA GLY E 205 4.84 -40.80 4.26
C GLY E 205 4.99 -40.29 5.68
N SER E 206 6.16 -40.58 6.27
CA SER E 206 6.46 -40.20 7.63
C SER E 206 7.97 -40.17 7.82
N GLY E 207 8.39 -39.87 9.04
CA GLY E 207 9.81 -39.82 9.36
C GLY E 207 10.04 -38.89 10.55
N SER E 208 11.30 -38.86 10.99
CA SER E 208 11.69 -38.00 12.11
C SER E 208 13.16 -37.65 11.97
N GLY E 209 13.44 -36.47 11.44
CA GLY E 209 14.78 -35.90 11.44
C GLY E 209 15.79 -36.58 10.52
N THR E 210 16.08 -37.86 10.77
CA THR E 210 17.06 -38.60 9.99
C THR E 210 16.46 -39.81 9.29
N ALA E 211 15.65 -40.59 9.99
CA ALA E 211 15.08 -41.80 9.41
C ALA E 211 13.69 -41.51 8.87
N PHE E 212 13.46 -41.82 7.60
CA PHE E 212 12.20 -41.56 6.93
C PHE E 212 11.67 -42.85 6.32
N THR E 213 10.34 -42.94 6.21
CA THR E 213 9.71 -44.12 5.65
C THR E 213 8.45 -43.71 4.90
N LEU E 214 8.12 -44.49 3.87
CA LEU E 214 6.92 -44.29 3.06
C LEU E 214 6.09 -45.55 3.09
N THR E 215 4.79 -45.41 3.30
CA THR E 215 3.87 -46.53 3.44
C THR E 215 2.91 -46.54 2.25
N ILE E 216 2.77 -47.72 1.62
CA ILE E 216 1.84 -47.93 0.53
C ILE E 216 0.80 -48.95 0.97
N SER E 217 -0.47 -48.58 0.88
CA SER E 217 -1.57 -49.43 1.30
C SER E 217 -2.34 -49.91 0.08
N ARG E 218 -2.67 -51.21 0.06
CA ARG E 218 -3.41 -51.83 -1.04
C ARG E 218 -2.70 -51.62 -2.37
N LEU E 219 -1.50 -52.20 -2.46
CA LEU E 219 -0.69 -52.02 -3.66
C LEU E 219 -1.37 -52.67 -4.86
N GLU E 220 -1.37 -51.95 -5.97
CA GLU E 220 -2.03 -52.39 -7.20
C GLU E 220 -0.99 -52.63 -8.29
N ALA E 221 -1.46 -53.19 -9.41
CA ALA E 221 -0.57 -53.53 -10.52
C ALA E 221 0.03 -52.31 -11.18
N GLU E 222 -0.61 -51.14 -11.06
CA GLU E 222 -0.08 -49.91 -11.63
C GLU E 222 0.95 -49.23 -10.72
N ASP E 223 1.14 -49.74 -9.51
CA ASP E 223 2.08 -49.17 -8.55
C ASP E 223 3.47 -49.78 -8.65
N VAL E 224 3.69 -50.69 -9.61
CA VAL E 224 4.99 -51.32 -9.76
C VAL E 224 5.98 -50.32 -10.34
N GLY E 225 7.22 -50.38 -9.87
CA GLY E 225 8.24 -49.47 -10.34
C GLY E 225 9.37 -49.37 -9.32
N VAL E 226 10.15 -48.30 -9.45
CA VAL E 226 11.29 -48.02 -8.58
C VAL E 226 11.03 -46.70 -7.87
N TYR E 227 11.27 -46.68 -6.57
CA TYR E 227 10.96 -45.53 -5.72
C TYR E 227 12.25 -44.87 -5.25
N TYR E 228 12.30 -43.54 -5.36
CA TYR E 228 13.48 -42.77 -4.98
C TYR E 228 13.15 -41.78 -3.87
N CYS E 229 14.14 -41.50 -3.03
CA CYS E 229 14.03 -40.50 -1.98
C CYS E 229 15.00 -39.36 -2.28
N MET E 230 14.57 -38.14 -2.00
CA MET E 230 15.31 -36.94 -2.37
C MET E 230 15.18 -35.88 -1.29
N GLN E 231 16.25 -35.12 -1.09
CA GLN E 231 16.29 -34.03 -0.12
C GLN E 231 16.53 -32.71 -0.83
N HIS E 232 15.96 -31.64 -0.27
CA HIS E 232 16.08 -30.30 -0.84
C HIS E 232 16.63 -29.30 0.16
N LEU E 233 17.37 -29.78 1.17
CA LEU E 233 17.87 -28.88 2.21
C LEU E 233 18.84 -27.85 1.65
N GLU E 234 19.80 -28.28 0.84
CA GLU E 234 20.79 -27.38 0.28
C GLU E 234 21.38 -27.99 -0.98
N TYR E 235 21.80 -27.11 -1.89
CA TYR E 235 22.45 -27.55 -3.12
C TYR E 235 23.88 -27.98 -2.81
N PRO E 236 24.38 -29.07 -3.41
CA PRO E 236 23.71 -29.94 -4.40
C PRO E 236 22.69 -30.90 -3.79
N LEU E 237 21.79 -31.37 -4.63
CA LEU E 237 20.70 -32.26 -4.21
C LEU E 237 21.10 -33.70 -4.47
N THR E 238 21.00 -34.55 -3.45
CA THR E 238 21.43 -35.93 -3.53
C THR E 238 20.22 -36.85 -3.57
N PHE E 239 20.18 -37.71 -4.58
CA PHE E 239 19.15 -38.72 -4.69
C PHE E 239 19.54 -39.98 -3.94
N GLY E 240 18.55 -40.82 -3.65
CA GLY E 240 18.78 -42.08 -2.98
C GLY E 240 19.19 -43.18 -3.96
N ALA E 241 19.51 -44.34 -3.39
CA ALA E 241 19.93 -45.47 -4.21
C ALA E 241 18.79 -45.96 -5.09
N GLY E 242 17.56 -46.00 -4.56
CA GLY E 242 16.42 -46.40 -5.33
C GLY E 242 15.97 -47.83 -5.06
N THR E 243 14.89 -47.98 -4.31
CA THR E 243 14.34 -49.30 -3.99
C THR E 243 13.36 -49.70 -5.09
N LYS E 244 13.59 -50.86 -5.68
CA LYS E 244 12.78 -51.35 -6.79
C LYS E 244 11.80 -52.41 -6.28
N LEU E 245 10.52 -52.19 -6.54
CA LEU E 245 9.46 -53.10 -6.17
C LEU E 245 8.93 -53.77 -7.44
N GLU E 246 9.07 -55.09 -7.52
CA GLU E 246 8.65 -55.85 -8.69
C GLU E 246 7.48 -56.77 -8.32
N LEU E 247 6.68 -57.10 -9.33
CA LEU E 247 5.53 -57.97 -9.15
C LEU E 247 5.96 -59.40 -8.87
#